data_6EKV
#
_entry.id   6EKV
#
_cell.length_a   39.646
_cell.length_b   65.346
_cell.length_c   161.455
_cell.angle_alpha   90.00
_cell.angle_beta   94.52
_cell.angle_gamma   90.00
#
_symmetry.space_group_name_H-M   'P 1 21 1'
#
loop_
_entity.id
_entity.type
_entity.pdbx_description
1 polymer 'Toxin complex component ORF-X2'
2 non-polymer 'SULFATE ION'
3 water water
#
_entity_poly.entity_id   1
_entity_poly.type   'polypeptide(L)'
_entity_poly.pdbx_seq_one_letter_code
;(MSE)NNLKPFIYYDWKKTILKNAKESYSINEIIPKTFF(MSE)ELHGTKITNSTLNGTWKAWNLTDEGEGSHPVLKCII
DDGYLD(MSE)NFGASSEKIPLKNVWIKLC(MSE)KINPNSDGTYSIPEKSSSFYIKDNSLKISKDNLILDKYLNKL
(MSE)LSYFKNNIKNIE(MSE)FINKSRIQTKVVGDLSLLGWNTENSVSFRT(MSE)NEFIKKDNLYPKDFKAVYSYRK
(MSE)TFTATGTFDSWE(MSE)TTGADGRNIRFKCPIKSAAYDLDGDVFNSSTENFLLIQVDLTYFDSKTTINDPTGEND
GKQFNLKVKTNDDKLKNVLIVTYNLTDTDGS(MSE)SSEDKDFLSLAFRNWFNDNIQQFEQIFAYILLDETAKIPEYQWL
KPTQISYGSASVETANDEPDLDASIFSA(MSE)S(MSE)VENNTNSTPSHAVDNR(MSE)LQLTKTQAAFGISFPLFIEH
FLKQALLSSQFISVDDIVADINTLTITNNKQIIFGKVENSDGKNVDSSLKPGKLKLSLQNNLIVLELFDLTWEQGRGVTG
HFDFRQEYELTLESKSEKQIPILKVHDEPEIEYYVEEAQWKANED(MSE)IVSAVVGTVFS(MSE)ILGAG(MSE)KLAG
SALSKAGKLIRSKATTIKGRKKIYINRSNVRQLRKDSGVTE(MSE)ELQRINRRNSSIASEDARFISNNGTTSIQTLGD
(MSE)KKKP(MSE)STGQRIAIGVKKITGTAV(MSE)FGAVGLG(MSE)NFGE(MSE)LINYINA(MSE)ENNDYSAIPG
INSF(MSE)QQCIGA(MSE)QWPDKDSELKVTFGKLQGIYLLGGTLEKNNKPNSK
;
_entity_poly.pdbx_strand_id   A
#
loop_
_chem_comp.id
_chem_comp.type
_chem_comp.name
_chem_comp.formula
SO4 non-polymer 'SULFATE ION' 'O4 S -2'
#
# COMPACT_ATOMS: atom_id res chain seq x y z
N PRO A 6 4.77 10.51 7.60
CA PRO A 6 4.46 10.54 6.16
C PRO A 6 5.57 9.96 5.27
N PHE A 7 5.19 9.59 4.06
CA PHE A 7 6.04 8.92 3.11
C PHE A 7 6.28 9.94 2.02
N ILE A 8 7.55 10.12 1.63
CA ILE A 8 7.85 11.07 0.56
C ILE A 8 8.00 10.33 -0.76
N TYR A 9 7.05 10.56 -1.65
CA TYR A 9 7.14 10.06 -3.00
C TYR A 9 8.08 10.97 -3.76
N TYR A 10 8.99 10.41 -4.56
CA TYR A 10 9.88 11.19 -5.39
C TYR A 10 9.57 10.92 -6.85
N ASP A 11 9.05 11.92 -7.56
CA ASP A 11 8.61 11.73 -8.93
C ASP A 11 9.74 12.13 -9.88
N TRP A 12 10.65 11.19 -10.12
CA TRP A 12 11.82 11.49 -10.94
C TRP A 12 11.45 11.79 -12.40
N LYS A 13 10.46 11.10 -12.96
CA LYS A 13 9.97 11.43 -14.32
C LYS A 13 9.50 12.89 -14.44
N LYS A 14 8.79 13.37 -13.42
CA LYS A 14 8.33 14.76 -13.39
C LYS A 14 9.49 15.75 -13.16
N THR A 15 10.43 15.38 -12.31
CA THR A 15 11.63 16.19 -12.07
C THR A 15 12.39 16.40 -13.37
N ILE A 16 12.61 15.31 -14.12
CA ILE A 16 13.27 15.33 -15.44
C ILE A 16 12.60 16.31 -16.44
N LEU A 17 11.26 16.32 -16.47
CA LEU A 17 10.52 17.19 -17.40
C LEU A 17 10.42 18.66 -16.95
N LYS A 18 10.97 18.99 -15.77
CA LYS A 18 11.01 20.37 -15.25
C LYS A 18 12.44 20.84 -14.89
N ASN A 19 13.45 20.38 -15.64
CA ASN A 19 14.84 20.84 -15.47
C ASN A 19 15.42 21.24 -16.83
N ILE A 26 23.30 25.21 -12.69
CA ILE A 26 23.29 23.78 -12.43
C ILE A 26 24.65 23.17 -12.78
N ASN A 27 25.03 23.24 -14.06
CA ASN A 27 26.35 22.75 -14.51
C ASN A 27 27.48 23.78 -14.26
N GLU A 28 27.08 25.02 -14.01
CA GLU A 28 27.98 26.07 -13.52
C GLU A 28 28.54 25.72 -12.12
N ILE A 29 27.76 24.93 -11.35
CA ILE A 29 28.17 24.40 -10.03
C ILE A 29 29.44 23.52 -10.11
N ILE A 30 29.65 22.85 -11.25
CA ILE A 30 30.80 21.97 -11.43
C ILE A 30 31.90 22.61 -12.29
N PRO A 31 33.12 22.75 -11.74
CA PRO A 31 34.22 23.14 -12.62
C PRO A 31 34.41 22.09 -13.71
N LYS A 32 34.65 22.53 -14.93
CA LYS A 32 34.60 21.66 -16.09
C LYS A 32 35.75 20.62 -16.19
N THR A 33 36.89 20.87 -15.55
CA THR A 33 38.10 20.05 -15.74
C THR A 33 38.39 19.22 -14.50
N PHE A 34 38.49 17.90 -14.69
CA PHE A 34 38.68 16.95 -13.61
C PHE A 34 40.02 16.23 -13.77
N PHE A 35 40.60 15.84 -12.63
CA PHE A 35 41.90 15.19 -12.63
C PHE A 35 42.04 14.38 -11.35
N MSE A 36 42.36 13.08 -11.49
CA MSE A 36 42.60 12.22 -10.34
C MSE A 36 43.76 11.36 -10.62
O MSE A 36 44.04 11.03 -11.77
CB MSE A 36 41.42 11.32 -10.04
CG MSE A 36 40.17 12.10 -9.60
SE MSE A 36 40.42 13.07 -7.88
CE MSE A 36 40.91 11.53 -6.73
N GLU A 37 44.45 10.97 -9.55
CA GLU A 37 45.68 10.21 -9.65
C GLU A 37 45.70 9.21 -8.50
N LEU A 38 46.20 8.00 -8.77
CA LEU A 38 46.30 6.97 -7.75
C LEU A 38 47.55 6.16 -7.98
N HIS A 39 48.36 6.02 -6.93
CA HIS A 39 49.61 5.27 -7.00
C HIS A 39 49.33 3.88 -6.49
N GLY A 40 50.03 2.88 -7.04
CA GLY A 40 49.90 1.49 -6.62
C GLY A 40 51.20 0.73 -6.76
N THR A 41 51.09 -0.60 -6.75
CA THR A 41 52.22 -1.51 -6.87
C THR A 41 52.28 -2.10 -8.27
N LYS A 42 51.38 -3.02 -8.59
CA LYS A 42 51.30 -3.58 -9.95
C LYS A 42 50.94 -2.52 -10.97
N ILE A 43 50.09 -1.58 -10.56
CA ILE A 43 49.80 -0.41 -11.37
C ILE A 43 50.52 0.74 -10.72
N THR A 44 51.60 1.20 -11.36
CA THR A 44 52.46 2.25 -10.79
C THR A 44 51.65 3.51 -10.55
N ASN A 45 50.94 3.94 -11.59
CA ASN A 45 50.19 5.18 -11.56
C ASN A 45 48.95 5.06 -12.44
N SER A 46 47.78 5.38 -11.86
CA SER A 46 46.53 5.52 -12.62
C SER A 46 46.11 6.98 -12.62
N THR A 47 45.73 7.48 -13.80
CA THR A 47 45.45 8.90 -14.00
C THR A 47 44.18 9.11 -14.84
N LEU A 48 43.29 9.95 -14.32
CA LEU A 48 42.03 10.29 -14.96
C LEU A 48 42.05 11.78 -15.16
N ASN A 49 41.78 12.22 -16.38
CA ASN A 49 41.96 13.60 -16.75
C ASN A 49 41.04 13.92 -17.92
N GLY A 50 40.18 14.92 -17.75
CA GLY A 50 39.29 15.31 -18.81
C GLY A 50 38.45 16.50 -18.49
N THR A 51 37.51 16.78 -19.39
CA THR A 51 36.56 17.83 -19.22
C THR A 51 35.14 17.27 -19.22
N TRP A 52 34.25 17.94 -18.48
CA TRP A 52 32.84 17.55 -18.41
C TRP A 52 32.07 18.14 -19.55
N LYS A 53 31.10 17.41 -20.09
CA LYS A 53 30.14 17.97 -21.02
C LYS A 53 28.89 18.44 -20.26
N ALA A 54 28.29 17.55 -19.49
CA ALA A 54 27.00 17.84 -18.82
C ALA A 54 26.68 16.78 -17.78
N TRP A 55 26.16 17.23 -16.65
CA TRP A 55 25.50 16.39 -15.69
C TRP A 55 24.00 16.61 -15.83
N ASN A 56 23.23 15.55 -15.76
CA ASN A 56 21.78 15.67 -15.67
C ASN A 56 21.21 14.54 -14.81
N LEU A 57 20.20 14.84 -13.99
CA LEU A 57 19.43 13.80 -13.29
C LEU A 57 18.74 12.94 -14.32
N THR A 58 18.70 11.63 -14.09
CA THR A 58 17.87 10.69 -14.87
C THR A 58 16.67 10.22 -14.06
N ASP A 59 15.77 9.54 -14.75
CA ASP A 59 14.60 8.90 -14.14
C ASP A 59 14.83 7.40 -13.88
N GLU A 60 16.08 6.98 -13.87
CA GLU A 60 16.44 5.59 -13.60
C GLU A 60 16.51 5.33 -12.12
N GLY A 61 16.53 6.39 -11.31
CA GLY A 61 16.52 6.30 -9.86
C GLY A 61 15.14 6.06 -9.29
N GLU A 62 15.10 5.66 -8.02
CA GLU A 62 13.88 5.29 -7.33
C GLU A 62 13.93 5.77 -5.88
N GLY A 63 12.85 6.40 -5.45
CA GLY A 63 12.71 6.92 -4.10
C GLY A 63 13.77 7.97 -3.82
N SER A 64 14.44 7.82 -2.68
CA SER A 64 15.47 8.74 -2.27
C SER A 64 16.88 8.33 -2.79
N HIS A 65 16.91 7.74 -4.01
CA HIS A 65 18.13 7.21 -4.69
C HIS A 65 18.12 7.63 -6.18
N PRO A 66 18.34 8.93 -6.44
CA PRO A 66 18.38 9.37 -7.82
C PRO A 66 19.62 8.84 -8.51
N VAL A 67 19.55 8.80 -9.83
CA VAL A 67 20.68 8.46 -10.64
C VAL A 67 21.10 9.71 -11.44
N LEU A 68 22.38 10.02 -11.33
CA LEU A 68 23.00 11.16 -11.99
C LEU A 68 23.89 10.65 -13.12
N LYS A 69 23.63 11.14 -14.33
CA LYS A 69 24.41 10.78 -15.50
C LYS A 69 25.36 11.94 -15.84
N CYS A 70 26.65 11.62 -15.92
CA CYS A 70 27.71 12.62 -16.14
C CYS A 70 28.48 12.25 -17.40
N ILE A 71 28.31 13.05 -18.45
CA ILE A 71 28.92 12.79 -19.74
C ILE A 71 30.24 13.55 -19.82
N ILE A 72 31.26 12.85 -20.27
CA ILE A 72 32.59 13.41 -20.44
C ILE A 72 32.68 13.96 -21.86
N ASP A 73 33.21 15.17 -22.00
CA ASP A 73 33.43 15.78 -23.31
C ASP A 73 34.68 15.21 -23.98
N ASP A 74 35.83 15.35 -23.35
CA ASP A 74 37.03 14.64 -23.77
C ASP A 74 37.90 14.30 -22.56
N GLY A 75 38.79 13.34 -22.75
CA GLY A 75 39.75 13.01 -21.73
C GLY A 75 40.25 11.60 -21.87
N TYR A 76 40.90 11.12 -20.83
CA TYR A 76 41.56 9.86 -20.89
C TYR A 76 41.69 9.27 -19.52
N LEU A 77 41.78 7.94 -19.51
CA LEU A 77 42.27 7.20 -18.37
C LEU A 77 43.58 6.55 -18.82
N ASP A 78 44.66 6.85 -18.11
CA ASP A 78 45.96 6.33 -18.40
C ASP A 78 46.40 5.44 -17.26
N MSE A 79 46.82 4.22 -17.58
CA MSE A 79 47.30 3.31 -16.57
C MSE A 79 48.72 2.91 -16.82
O MSE A 79 49.00 2.21 -17.78
CB MSE A 79 46.37 2.12 -16.53
CG MSE A 79 45.34 2.53 -15.48
SE MSE A 79 44.01 1.16 -15.25
CE MSE A 79 43.45 1.34 -17.14
N ASN A 80 49.58 3.33 -15.92
CA ASN A 80 50.99 3.07 -15.97
C ASN A 80 51.27 1.81 -15.17
N PHE A 81 51.60 0.74 -15.89
CA PHE A 81 52.02 -0.55 -15.29
C PHE A 81 53.51 -0.63 -14.97
N GLY A 82 54.26 0.44 -15.27
CA GLY A 82 55.67 0.57 -14.87
C GLY A 82 56.59 0.44 -16.07
N ALA A 83 56.60 -0.75 -16.67
CA ALA A 83 57.23 -0.94 -17.96
C ALA A 83 56.38 -0.17 -18.97
N SER A 84 55.26 -0.74 -19.39
CA SER A 84 54.35 -0.10 -20.36
C SER A 84 53.14 0.53 -19.67
N SER A 85 52.33 1.24 -20.45
CA SER A 85 51.07 1.82 -19.99
C SER A 85 49.91 1.60 -20.99
N GLU A 86 48.68 1.87 -20.55
CA GLU A 86 47.51 1.85 -21.42
C GLU A 86 46.71 3.13 -21.22
N LYS A 87 46.41 3.81 -22.33
CA LYS A 87 45.77 5.11 -22.33
C LYS A 87 44.46 4.97 -23.07
N ILE A 88 43.34 5.11 -22.38
CA ILE A 88 42.03 4.86 -22.98
C ILE A 88 41.26 6.21 -23.12
N PRO A 89 40.75 6.53 -24.32
CA PRO A 89 40.02 7.76 -24.54
C PRO A 89 38.61 7.75 -23.95
N LEU A 90 38.17 8.89 -23.44
CA LEU A 90 36.91 8.98 -22.72
C LEU A 90 35.88 9.94 -23.35
N LYS A 91 36.09 10.31 -24.62
CA LYS A 91 35.21 11.22 -25.35
C LYS A 91 33.81 10.68 -25.35
N ASN A 92 32.84 11.46 -24.89
CA ASN A 92 31.41 11.07 -24.87
C ASN A 92 31.06 9.89 -23.97
N VAL A 93 32.02 9.43 -23.20
CA VAL A 93 31.78 8.38 -22.25
C VAL A 93 30.96 9.00 -21.13
N TRP A 94 29.88 8.32 -20.75
CA TRP A 94 29.17 8.69 -19.54
C TRP A 94 29.40 7.72 -18.39
N ILE A 95 29.08 8.19 -17.21
CA ILE A 95 29.10 7.42 -15.96
C ILE A 95 27.86 7.80 -15.14
N LYS A 96 27.21 6.79 -14.58
CA LYS A 96 26.03 6.99 -13.76
C LYS A 96 26.36 6.82 -12.29
N LEU A 97 26.07 7.87 -11.51
CA LEU A 97 26.28 7.89 -10.08
C LEU A 97 24.92 7.71 -9.38
N CYS A 98 24.85 6.83 -8.38
CA CYS A 98 23.67 6.67 -7.52
C CYS A 98 24.04 7.13 -6.13
N MSE A 99 23.11 7.81 -5.47
CA MSE A 99 23.36 8.36 -4.13
C MSE A 99 22.10 8.31 -3.33
O MSE A 99 21.01 8.23 -3.90
CB MSE A 99 23.92 9.80 -4.22
CG MSE A 99 22.84 10.82 -4.58
SE MSE A 99 23.43 12.20 -5.86
CE MSE A 99 23.68 11.06 -7.46
N LYS A 100 22.25 8.33 -2.01
CA LYS A 100 21.14 8.51 -1.09
C LYS A 100 20.97 10.03 -0.84
N ILE A 101 19.73 10.51 -0.87
CA ILE A 101 19.43 11.90 -0.48
C ILE A 101 18.57 11.89 0.77
N ASN A 102 18.93 12.75 1.72
CA ASN A 102 18.22 12.88 2.98
C ASN A 102 17.70 14.31 3.11
N PRO A 103 16.37 14.52 3.06
CA PRO A 103 15.89 15.89 3.14
C PRO A 103 16.12 16.48 4.53
N ASN A 104 16.54 17.75 4.57
CA ASN A 104 16.64 18.55 5.79
C ASN A 104 15.40 19.44 5.87
N SER A 105 15.15 19.98 7.06
CA SER A 105 13.95 20.82 7.36
C SER A 105 13.62 21.86 6.29
N ASP A 106 14.63 22.65 5.91
CA ASP A 106 14.52 23.73 4.90
C ASP A 106 14.50 23.30 3.41
N GLY A 107 14.34 22.02 3.12
CA GLY A 107 14.27 21.56 1.73
C GLY A 107 15.59 21.53 0.96
N THR A 108 16.71 21.52 1.69
CA THR A 108 17.98 21.06 1.12
C THR A 108 18.13 19.59 1.46
N TYR A 109 19.14 18.96 0.86
CA TYR A 109 19.41 17.55 1.10
C TYR A 109 20.84 17.34 1.53
N SER A 110 21.05 16.35 2.38
CA SER A 110 22.37 15.80 2.68
C SER A 110 22.58 14.54 1.84
N ILE A 111 23.83 14.20 1.56
CA ILE A 111 24.15 13.03 0.77
C ILE A 111 25.28 12.27 1.49
N PRO A 112 24.97 11.07 2.03
CA PRO A 112 26.04 10.32 2.69
C PRO A 112 27.02 9.83 1.64
N GLU A 113 28.23 9.47 2.07
CA GLU A 113 29.22 9.04 1.10
C GLU A 113 29.80 7.66 1.37
N LYS A 114 29.16 6.87 2.23
CA LYS A 114 29.57 5.49 2.42
C LYS A 114 29.30 4.67 1.14
N SER A 115 30.15 3.68 0.95
CA SER A 115 30.26 2.98 -0.33
C SER A 115 29.01 2.18 -0.69
N SER A 116 28.23 1.73 0.29
CA SER A 116 26.91 1.13 0.01
C SER A 116 25.82 2.10 -0.46
N SER A 117 25.95 3.39 -0.14
CA SER A 117 24.96 4.39 -0.58
C SER A 117 25.38 5.28 -1.77
N PHE A 118 26.69 5.54 -1.91
CA PHE A 118 27.25 6.49 -2.89
C PHE A 118 28.17 5.60 -3.74
N TYR A 119 27.72 5.28 -4.96
CA TYR A 119 28.36 4.23 -5.75
C TYR A 119 28.02 4.38 -7.25
N ILE A 120 28.85 3.75 -8.08
CA ILE A 120 28.73 3.86 -9.52
C ILE A 120 27.79 2.74 -10.00
N LYS A 121 26.77 3.12 -10.74
CA LYS A 121 25.80 2.15 -11.24
C LYS A 121 26.38 1.49 -12.45
N ASP A 122 26.89 2.31 -13.35
CA ASP A 122 27.22 1.88 -14.69
C ASP A 122 28.13 2.94 -15.35
N ASN A 123 28.75 2.57 -16.48
CA ASN A 123 29.35 3.54 -17.40
C ASN A 123 29.14 3.08 -18.85
N SER A 124 29.46 3.92 -19.83
CA SER A 124 29.27 3.57 -21.26
C SER A 124 30.54 3.07 -21.93
N LEU A 125 31.57 2.77 -21.14
CA LEU A 125 32.84 2.33 -21.66
C LEU A 125 32.64 0.93 -22.27
N LYS A 126 33.17 0.71 -23.48
CA LYS A 126 33.04 -0.58 -24.16
C LYS A 126 34.21 -1.46 -23.77
N ILE A 127 33.96 -2.57 -23.09
CA ILE A 127 35.03 -3.49 -22.65
C ILE A 127 34.71 -5.00 -22.76
N SER A 128 35.75 -5.79 -23.02
CA SER A 128 35.68 -7.25 -22.92
C SER A 128 35.88 -7.67 -21.46
N LYS A 129 35.81 -8.97 -21.21
CA LYS A 129 36.09 -9.55 -19.88
C LYS A 129 37.56 -9.33 -19.43
N ASP A 130 38.48 -9.19 -20.41
CA ASP A 130 39.88 -8.85 -20.13
C ASP A 130 40.03 -7.44 -19.55
N ASN A 131 39.32 -6.49 -20.14
CA ASN A 131 39.44 -5.06 -19.77
C ASN A 131 38.52 -4.57 -18.61
N LEU A 132 38.05 -5.48 -17.77
CA LEU A 132 37.37 -5.06 -16.56
C LEU A 132 38.22 -4.13 -15.71
N ILE A 133 39.54 -4.34 -15.72
CA ILE A 133 40.47 -3.50 -14.96
C ILE A 133 40.35 -2.01 -15.33
N LEU A 134 40.10 -1.71 -16.62
CA LEU A 134 39.89 -0.35 -17.11
C LEU A 134 38.61 0.20 -16.53
N ASP A 135 37.54 -0.55 -16.69
CA ASP A 135 36.26 -0.23 -16.09
C ASP A 135 36.39 0.04 -14.59
N LYS A 136 37.11 -0.84 -13.88
CA LYS A 136 37.26 -0.71 -12.41
C LYS A 136 37.93 0.62 -12.03
N TYR A 137 39.07 0.91 -12.66
CA TYR A 137 39.80 2.13 -12.35
C TYR A 137 39.10 3.39 -12.80
N LEU A 138 38.36 3.37 -13.92
CA LEU A 138 37.54 4.51 -14.30
C LEU A 138 36.54 4.82 -13.17
N ASN A 139 35.83 3.79 -12.74
CA ASN A 139 34.80 3.95 -11.69
C ASN A 139 35.42 4.37 -10.39
N LYS A 140 36.53 3.75 -10.00
CA LYS A 140 37.16 4.01 -8.69
C LYS A 140 37.63 5.46 -8.55
N LEU A 141 38.34 5.92 -9.59
CA LEU A 141 38.94 7.25 -9.58
C LEU A 141 37.83 8.27 -9.71
N MSE A 142 36.84 7.97 -10.53
CA MSE A 142 35.69 8.86 -10.68
C MSE A 142 34.90 8.93 -9.41
O MSE A 142 34.47 10.00 -9.05
CB MSE A 142 34.79 8.48 -11.85
CG MSE A 142 33.84 9.58 -12.27
SE MSE A 142 34.83 11.12 -12.96
CE MSE A 142 34.68 10.79 -14.91
N LEU A 143 34.72 7.82 -8.72
CA LEU A 143 34.01 7.85 -7.44
C LEU A 143 34.75 8.69 -6.38
N SER A 144 36.07 8.59 -6.34
CA SER A 144 36.86 9.41 -5.44
C SER A 144 36.66 10.90 -5.76
N TYR A 145 36.57 11.22 -7.04
CA TYR A 145 36.36 12.58 -7.49
C TYR A 145 35.01 13.07 -7.01
N PHE A 146 33.97 12.26 -7.19
CA PHE A 146 32.62 12.62 -6.73
C PHE A 146 32.57 12.86 -5.20
N LYS A 147 33.19 11.98 -4.40
CA LYS A 147 33.30 12.22 -2.94
C LYS A 147 33.93 13.58 -2.64
N ASN A 148 35.03 13.90 -3.33
CA ASN A 148 35.72 15.16 -3.17
C ASN A 148 34.84 16.35 -3.53
N ASN A 149 34.01 16.18 -4.55
CA ASN A 149 32.98 17.17 -4.91
C ASN A 149 31.61 16.89 -4.30
N ILE A 150 31.56 16.29 -3.11
CA ILE A 150 30.27 15.98 -2.45
C ILE A 150 29.42 17.25 -2.21
N LYS A 151 30.06 18.33 -1.76
CA LYS A 151 29.34 19.59 -1.51
C LYS A 151 28.76 20.17 -2.82
N ASN A 152 29.52 20.06 -3.91
CA ASN A 152 29.00 20.44 -5.24
C ASN A 152 27.83 19.57 -5.71
N ILE A 153 27.85 18.29 -5.33
CA ILE A 153 26.78 17.39 -5.74
C ILE A 153 25.54 17.72 -4.90
N GLU A 154 25.72 17.90 -3.59
CA GLU A 154 24.64 18.41 -2.74
C GLU A 154 23.99 19.66 -3.35
N MSE A 155 24.81 20.58 -3.87
CA MSE A 155 24.29 21.81 -4.46
C MSE A 155 23.58 21.53 -5.74
O MSE A 155 22.53 22.13 -6.01
CB MSE A 155 25.39 22.82 -4.76
CG MSE A 155 25.65 23.72 -3.58
SE MSE A 155 26.99 25.04 -4.19
CE MSE A 155 25.91 26.15 -5.41
N PHE A 156 24.13 20.63 -6.56
CA PHE A 156 23.41 20.17 -7.76
C PHE A 156 21.95 19.75 -7.47
N ILE A 157 21.79 19.02 -6.37
CA ILE A 157 20.54 18.42 -5.96
C ILE A 157 19.64 19.53 -5.40
N ASN A 158 20.17 20.29 -4.44
CA ASN A 158 19.48 21.46 -3.87
C ASN A 158 18.91 22.39 -4.91
N LYS A 159 19.60 22.57 -6.04
CA LYS A 159 19.12 23.42 -7.15
C LYS A 159 18.32 22.66 -8.21
N SER A 160 18.03 21.38 -8.02
CA SER A 160 17.43 20.58 -9.10
C SER A 160 15.90 20.60 -9.16
N ARG A 161 15.24 21.29 -8.23
CA ARG A 161 13.76 21.41 -8.26
C ARG A 161 13.13 20.02 -8.33
N ILE A 162 13.36 19.29 -7.25
CA ILE A 162 12.94 17.90 -7.14
C ILE A 162 11.45 17.83 -6.76
N GLN A 163 10.69 17.09 -7.56
CA GLN A 163 9.24 16.98 -7.39
C GLN A 163 8.92 15.89 -6.38
N THR A 164 8.24 16.26 -5.28
CA THR A 164 7.92 15.32 -4.20
C THR A 164 6.48 15.46 -3.68
N LYS A 165 5.68 14.41 -3.84
CA LYS A 165 4.31 14.32 -3.29
C LYS A 165 4.41 13.69 -1.89
N VAL A 166 3.82 14.37 -0.91
CA VAL A 166 3.73 13.84 0.45
C VAL A 166 2.52 12.90 0.51
N VAL A 167 2.78 11.64 0.82
CA VAL A 167 1.74 10.62 1.00
C VAL A 167 1.47 10.43 2.50
N GLY A 168 0.37 11.02 2.95
CA GLY A 168 0.02 11.10 4.37
C GLY A 168 -0.42 9.77 4.97
N ASP A 169 -1.24 9.04 4.25
CA ASP A 169 -1.68 7.74 4.73
C ASP A 169 -1.10 6.64 3.86
N LEU A 170 -1.19 5.38 4.32
CA LEU A 170 -0.59 4.28 3.56
C LEU A 170 -1.17 4.25 2.15
N SER A 171 -0.33 3.85 1.20
CA SER A 171 -0.68 3.84 -0.23
C SER A 171 -0.08 2.60 -0.95
N LEU A 172 -0.80 2.08 -1.93
CA LEU A 172 -0.27 1.07 -2.86
C LEU A 172 0.33 1.70 -4.13
N LEU A 173 0.30 3.03 -4.24
CA LEU A 173 1.06 3.78 -5.26
C LEU A 173 0.67 3.46 -6.70
N GLY A 174 -0.63 3.24 -6.90
CA GLY A 174 -1.20 2.95 -8.21
C GLY A 174 -1.70 1.53 -8.35
N TRP A 175 -1.22 0.62 -7.50
CA TRP A 175 -1.60 -0.80 -7.56
C TRP A 175 -2.92 -1.07 -6.83
N ASN A 176 -3.66 -2.09 -7.27
CA ASN A 176 -4.94 -2.49 -6.65
C ASN A 176 -4.71 -3.38 -5.40
N THR A 177 -3.80 -4.35 -5.52
CA THR A 177 -3.41 -5.22 -4.43
C THR A 177 -1.91 -5.32 -4.31
N GLU A 178 -1.49 -5.79 -3.14
CA GLU A 178 -0.09 -5.98 -2.84
C GLU A 178 0.05 -7.05 -1.80
N ASN A 179 0.96 -8.00 -2.06
CA ASN A 179 1.28 -9.09 -1.13
C ASN A 179 2.72 -8.85 -0.68
N SER A 180 2.95 -8.84 0.63
CA SER A 180 4.20 -8.38 1.23
C SER A 180 4.76 -9.30 2.33
N VAL A 181 6.09 -9.38 2.39
CA VAL A 181 6.80 -10.06 3.51
C VAL A 181 8.02 -9.26 3.85
N SER A 182 8.49 -9.43 5.09
CA SER A 182 9.69 -8.76 5.55
C SER A 182 10.91 -9.40 4.90
N PHE A 183 11.98 -8.62 4.80
CA PHE A 183 13.29 -9.14 4.34
C PHE A 183 13.75 -10.34 5.16
N ARG A 184 13.61 -10.25 6.49
CA ARG A 184 13.96 -11.38 7.37
C ARG A 184 13.23 -12.65 6.98
N THR A 185 11.96 -12.52 6.63
CA THR A 185 11.17 -13.69 6.20
C THR A 185 11.69 -14.27 4.90
N MSE A 186 12.01 -13.40 3.96
CA MSE A 186 12.48 -13.81 2.63
C MSE A 186 13.82 -14.45 2.78
O MSE A 186 14.14 -15.34 2.02
CB MSE A 186 12.55 -12.60 1.69
CG MSE A 186 13.03 -12.91 0.28
SE MSE A 186 12.05 -14.36 -0.65
CE MSE A 186 10.52 -13.20 -1.10
N ASN A 187 14.63 -13.97 3.72
CA ASN A 187 15.94 -14.57 4.05
C ASN A 187 15.81 -15.95 4.66
N GLU A 188 14.77 -16.17 5.46
CA GLU A 188 14.44 -17.53 5.96
C GLU A 188 14.06 -18.46 4.81
N PHE A 189 13.24 -17.99 3.85
CA PHE A 189 12.94 -18.80 2.65
C PHE A 189 14.20 -19.15 1.85
N ILE A 190 15.06 -18.16 1.62
CA ILE A 190 16.26 -18.35 0.79
C ILE A 190 17.14 -19.43 1.40
N LYS A 191 17.27 -19.38 2.71
CA LYS A 191 18.17 -20.24 3.48
C LYS A 191 17.65 -21.68 3.47
N LYS A 192 16.39 -21.86 3.85
CA LYS A 192 15.76 -23.19 3.80
C LYS A 192 15.80 -23.79 2.40
N ASP A 193 15.35 -23.05 1.38
CA ASP A 193 15.34 -23.56 0.00
C ASP A 193 16.72 -23.90 -0.53
N ASN A 194 17.72 -23.18 -0.02
CA ASN A 194 19.10 -23.53 -0.24
C ASN A 194 19.42 -23.61 -1.74
N LEU A 195 18.95 -22.63 -2.52
CA LEU A 195 19.08 -22.62 -3.99
C LEU A 195 20.10 -21.60 -4.54
N TYR A 196 21.06 -21.20 -3.70
CA TYR A 196 22.07 -20.20 -4.06
C TYR A 196 23.41 -20.93 -4.27
N PRO A 197 24.28 -20.41 -5.16
CA PRO A 197 25.58 -21.04 -5.31
C PRO A 197 26.41 -20.94 -4.03
N LYS A 198 26.85 -22.09 -3.57
CA LYS A 198 27.53 -22.27 -2.30
C LYS A 198 29.04 -22.06 -2.53
N ASP A 199 29.58 -22.76 -3.52
CA ASP A 199 31.01 -22.75 -3.83
C ASP A 199 31.32 -21.97 -5.09
N PHE A 200 32.53 -21.42 -5.12
CA PHE A 200 32.94 -20.63 -6.26
C PHE A 200 34.43 -20.76 -6.54
N LYS A 201 34.77 -20.74 -7.82
CA LYS A 201 36.13 -20.48 -8.27
C LYS A 201 36.10 -19.22 -9.15
N ALA A 202 36.42 -18.08 -8.54
CA ALA A 202 36.33 -16.77 -9.19
C ALA A 202 37.69 -16.34 -9.77
N VAL A 203 37.68 -16.02 -11.08
CA VAL A 203 38.90 -15.78 -11.83
C VAL A 203 38.80 -14.51 -12.63
N TYR A 204 39.85 -13.70 -12.54
CA TYR A 204 40.08 -12.59 -13.44
C TYR A 204 41.55 -12.67 -13.89
N SER A 205 41.74 -12.58 -15.21
CA SER A 205 43.05 -12.58 -15.85
C SER A 205 43.20 -11.34 -16.69
N TYR A 206 44.36 -10.69 -16.58
CA TYR A 206 44.73 -9.52 -17.40
C TYR A 206 46.24 -9.51 -17.64
N ARG A 207 46.66 -9.27 -18.89
CA ARG A 207 48.08 -9.26 -19.27
C ARG A 207 48.82 -10.46 -18.67
N LYS A 208 48.24 -11.65 -18.82
CA LYS A 208 48.73 -12.89 -18.18
C LYS A 208 48.95 -12.88 -16.63
N MSE A 209 48.50 -11.84 -15.90
CA MSE A 209 48.33 -11.91 -14.44
C MSE A 209 46.99 -12.55 -14.14
O MSE A 209 46.01 -12.22 -14.77
CB MSE A 209 48.28 -10.52 -13.79
CG MSE A 209 49.48 -9.60 -14.03
SE MSE A 209 49.14 -7.86 -13.11
CE MSE A 209 48.02 -6.97 -14.46
N THR A 210 46.94 -13.45 -13.16
CA THR A 210 45.70 -14.14 -12.79
C THR A 210 45.39 -13.90 -11.32
N PHE A 211 44.13 -13.61 -11.04
CA PHE A 211 43.64 -13.31 -9.71
C PHE A 211 42.46 -14.23 -9.48
N THR A 212 42.54 -15.00 -8.39
CA THR A 212 41.60 -16.11 -8.16
C THR A 212 41.09 -16.05 -6.74
N ALA A 213 39.81 -16.35 -6.57
CA ALA A 213 39.20 -16.51 -5.26
C ALA A 213 38.53 -17.87 -5.24
N THR A 214 38.84 -18.67 -4.24
CA THR A 214 38.30 -20.00 -4.14
C THR A 214 37.77 -20.18 -2.73
N GLY A 215 36.50 -20.52 -2.62
CA GLY A 215 35.90 -20.73 -1.31
C GLY A 215 34.42 -21.02 -1.36
N THR A 216 33.76 -20.68 -0.26
CA THR A 216 32.34 -21.02 -0.07
C THR A 216 31.59 -19.83 0.51
N PHE A 217 30.38 -19.60 0.01
CA PHE A 217 29.46 -18.60 0.58
C PHE A 217 28.63 -19.16 1.73
N ASP A 218 28.22 -18.30 2.66
CA ASP A 218 27.09 -18.61 3.57
C ASP A 218 25.79 -18.19 2.89
N SER A 219 24.67 -18.37 3.56
CA SER A 219 23.38 -18.10 2.91
C SER A 219 23.26 -16.65 2.51
N TRP A 220 22.86 -16.43 1.26
CA TRP A 220 22.69 -15.08 0.71
C TRP A 220 21.51 -14.39 1.40
N GLU A 221 21.68 -13.12 1.75
CA GLU A 221 20.70 -12.37 2.54
C GLU A 221 20.30 -11.12 1.78
N MSE A 222 19.02 -11.02 1.45
CA MSE A 222 18.41 -9.77 0.97
C MSE A 222 18.69 -8.73 2.01
O MSE A 222 18.53 -8.96 3.21
CB MSE A 222 16.89 -9.92 0.76
CG MSE A 222 16.32 -8.79 -0.10
SE MSE A 222 14.40 -9.13 -0.44
CE MSE A 222 14.57 -10.45 -1.88
N THR A 223 19.19 -7.57 1.57
CA THR A 223 19.49 -6.48 2.51
C THR A 223 19.06 -5.13 1.92
N THR A 224 19.30 -4.08 2.69
CA THR A 224 18.82 -2.72 2.44
C THR A 224 19.85 -1.89 1.69
N GLY A 225 19.42 -0.71 1.24
CA GLY A 225 20.27 0.26 0.56
C GLY A 225 19.81 0.56 -0.86
N ALA A 226 18.95 -0.28 -1.42
CA ALA A 226 18.25 0.02 -2.66
C ALA A 226 16.74 -0.15 -2.44
N ASP A 227 15.95 0.09 -3.47
CA ASP A 227 14.47 0.18 -3.36
C ASP A 227 13.92 -0.07 -4.75
N GLY A 228 12.60 -0.25 -4.79
CA GLY A 228 11.87 -0.58 -6.02
C GLY A 228 12.41 -1.84 -6.65
N ARG A 229 12.62 -1.82 -7.96
CA ARG A 229 13.07 -2.99 -8.73
C ARG A 229 14.47 -3.50 -8.36
N ASN A 230 15.29 -2.67 -7.72
CA ASN A 230 16.66 -3.01 -7.38
C ASN A 230 16.64 -3.82 -6.11
N ILE A 231 17.03 -5.08 -6.22
CA ILE A 231 17.15 -5.96 -5.09
C ILE A 231 18.61 -6.21 -4.82
N ARG A 232 18.95 -6.18 -3.55
CA ARG A 232 20.31 -6.17 -3.13
C ARG A 232 20.52 -7.34 -2.18
N PHE A 233 21.61 -8.11 -2.40
CA PHE A 233 22.00 -9.22 -1.54
C PHE A 233 23.41 -9.05 -0.96
N LYS A 234 23.56 -9.36 0.33
CA LYS A 234 24.84 -9.64 0.95
C LYS A 234 25.15 -11.11 0.68
N CYS A 235 26.29 -11.38 0.05
CA CYS A 235 26.77 -12.72 -0.20
C CYS A 235 27.96 -12.93 0.73
N PRO A 236 27.74 -13.45 1.97
CA PRO A 236 28.82 -13.54 2.94
C PRO A 236 29.71 -14.73 2.65
N ILE A 237 31.02 -14.52 2.74
CA ILE A 237 32.01 -15.56 2.46
C ILE A 237 32.29 -16.33 3.77
N LYS A 238 32.22 -17.66 3.68
CA LYS A 238 32.39 -18.56 4.83
C LYS A 238 33.89 -18.73 5.09
N SER A 239 34.59 -19.11 4.04
CA SER A 239 36.05 -19.00 3.97
C SER A 239 36.46 -19.05 2.49
N ALA A 240 37.63 -18.50 2.23
CA ALA A 240 38.11 -18.45 0.87
C ALA A 240 39.59 -18.20 0.86
N ALA A 241 40.26 -18.70 -0.18
CA ALA A 241 41.66 -18.40 -0.42
C ALA A 241 41.70 -17.45 -1.60
N TYR A 242 42.41 -16.35 -1.43
CA TYR A 242 42.61 -15.31 -2.44
C TYR A 242 44.02 -15.39 -3.03
N ASP A 243 44.11 -15.78 -4.29
CA ASP A 243 45.37 -15.94 -4.99
C ASP A 243 45.55 -14.76 -5.93
N LEU A 244 46.38 -13.83 -5.49
CA LEU A 244 46.68 -12.63 -6.25
C LEU A 244 47.97 -12.85 -7.01
N ASP A 245 47.83 -13.41 -8.22
CA ASP A 245 48.94 -13.67 -9.12
C ASP A 245 50.18 -14.27 -8.47
N GLY A 246 49.96 -15.32 -7.68
CA GLY A 246 51.03 -16.02 -6.96
C GLY A 246 51.11 -15.74 -5.46
N ASP A 247 50.47 -14.64 -5.04
CA ASP A 247 50.51 -14.18 -3.66
C ASP A 247 49.15 -14.48 -3.00
N VAL A 248 49.21 -15.30 -1.96
CA VAL A 248 48.02 -15.97 -1.44
C VAL A 248 47.67 -15.46 -0.05
N PHE A 249 46.36 -15.20 0.12
CA PHE A 249 45.80 -14.65 1.34
C PHE A 249 44.53 -15.40 1.69
N ASN A 250 44.37 -15.68 2.98
CA ASN A 250 43.21 -16.37 3.51
C ASN A 250 42.23 -15.34 4.06
N SER A 251 40.95 -15.48 3.69
CA SER A 251 39.90 -14.55 4.11
C SER A 251 39.68 -14.53 5.63
N SER A 252 39.21 -13.38 6.13
CA SER A 252 38.60 -13.30 7.48
C SER A 252 37.14 -13.70 7.46
N THR A 253 36.51 -13.82 8.63
CA THR A 253 35.10 -14.32 8.75
C THR A 253 34.01 -13.22 8.62
N GLU A 254 34.40 -12.02 8.17
CA GLU A 254 33.50 -10.89 8.05
C GLU A 254 33.39 -10.46 6.58
N ASN A 255 33.84 -11.33 5.68
CA ASN A 255 34.06 -10.94 4.29
C ASN A 255 32.74 -11.06 3.56
N PHE A 256 32.45 -10.15 2.65
CA PHE A 256 31.22 -10.31 1.85
C PHE A 256 31.31 -9.49 0.61
N LEU A 257 30.44 -9.81 -0.33
CA LEU A 257 30.15 -8.92 -1.42
C LEU A 257 28.68 -8.48 -1.33
N LEU A 258 28.47 -7.21 -1.61
CA LEU A 258 27.14 -6.64 -1.68
C LEU A 258 26.81 -6.50 -3.17
N ILE A 259 25.82 -7.25 -3.65
CA ILE A 259 25.48 -7.22 -5.06
C ILE A 259 24.09 -6.68 -5.27
N GLN A 260 23.77 -6.35 -6.51
CA GLN A 260 22.49 -5.74 -6.82
C GLN A 260 22.01 -6.26 -8.16
N VAL A 261 20.81 -6.83 -8.16
CA VAL A 261 20.19 -7.41 -9.33
C VAL A 261 18.76 -6.90 -9.47
N ASP A 262 18.23 -7.09 -10.68
CA ASP A 262 16.82 -6.99 -10.96
C ASP A 262 16.19 -8.37 -11.01
N LEU A 263 14.89 -8.43 -10.77
CA LEU A 263 14.14 -9.66 -10.88
C LEU A 263 13.20 -9.55 -12.07
N THR A 264 12.76 -10.69 -12.60
CA THR A 264 11.65 -10.72 -13.59
C THR A 264 10.79 -11.96 -13.42
N TYR A 265 9.59 -11.85 -13.99
CA TYR A 265 8.58 -12.89 -13.98
C TYR A 265 8.74 -13.73 -15.25
N PHE A 266 9.15 -14.98 -15.09
CA PHE A 266 9.28 -15.91 -16.22
C PHE A 266 8.04 -16.81 -16.34
N ASP A 267 7.47 -16.91 -17.55
CA ASP A 267 6.55 -18.01 -17.92
C ASP A 267 7.05 -19.36 -17.38
N SER A 268 6.13 -20.14 -16.84
CA SER A 268 6.46 -21.42 -16.21
C SER A 268 5.26 -22.33 -16.40
N LYS A 269 5.50 -23.63 -16.43
CA LYS A 269 4.43 -24.61 -16.34
C LYS A 269 3.84 -24.54 -14.93
N THR A 270 2.52 -24.66 -14.85
CA THR A 270 1.83 -24.57 -13.59
C THR A 270 2.32 -25.65 -12.66
N THR A 271 2.82 -25.24 -11.50
CA THR A 271 3.24 -26.15 -10.42
C THR A 271 2.58 -25.86 -9.07
N ILE A 272 2.02 -24.67 -8.89
CA ILE A 272 1.29 -24.34 -7.66
C ILE A 272 -0.17 -24.69 -7.84
N ASN A 273 -0.80 -25.02 -6.73
CA ASN A 273 -2.25 -25.16 -6.68
C ASN A 273 -2.85 -23.97 -5.93
N ASP A 274 -3.82 -23.31 -6.56
CA ASP A 274 -4.66 -22.28 -5.94
C ASP A 274 -5.96 -22.88 -5.43
N PRO A 275 -6.06 -23.12 -4.10
CA PRO A 275 -7.32 -23.70 -3.59
C PRO A 275 -8.58 -22.84 -3.80
N THR A 276 -8.40 -21.52 -3.93
CA THR A 276 -9.52 -20.61 -4.21
C THR A 276 -9.80 -20.38 -5.72
N GLY A 277 -9.07 -21.06 -6.61
CA GLY A 277 -9.23 -20.83 -8.06
C GLY A 277 -9.52 -22.07 -8.87
N GLU A 278 -9.87 -21.84 -10.12
CA GLU A 278 -9.98 -22.88 -11.14
C GLU A 278 -8.65 -23.46 -11.64
N ASN A 279 -7.51 -22.86 -11.28
CA ASN A 279 -6.19 -23.27 -11.77
C ASN A 279 -6.16 -23.30 -13.30
N ASP A 280 -6.71 -22.27 -13.90
CA ASP A 280 -6.67 -22.07 -15.35
C ASP A 280 -5.85 -20.82 -15.73
N GLY A 281 -4.88 -20.45 -14.89
CA GLY A 281 -4.07 -19.25 -15.12
C GLY A 281 -2.79 -19.56 -15.87
N LYS A 282 -1.95 -18.53 -16.04
CA LYS A 282 -0.58 -18.71 -16.53
C LYS A 282 0.28 -18.42 -15.32
N GLN A 283 1.17 -19.35 -14.98
CA GLN A 283 2.01 -19.19 -13.82
C GLN A 283 3.22 -18.36 -14.16
N PHE A 284 3.60 -17.43 -13.27
CA PHE A 284 4.83 -16.67 -13.40
C PHE A 284 5.70 -16.85 -12.15
N ASN A 285 6.97 -17.19 -12.36
CA ASN A 285 7.94 -17.36 -11.29
C ASN A 285 8.86 -16.14 -11.28
N LEU A 286 9.00 -15.51 -10.11
CA LEU A 286 9.79 -14.31 -9.97
C LEU A 286 11.19 -14.76 -9.61
N LYS A 287 12.13 -14.49 -10.52
CA LYS A 287 13.52 -14.92 -10.39
C LYS A 287 14.48 -13.81 -10.82
N VAL A 288 15.77 -14.02 -10.53
CA VAL A 288 16.82 -13.08 -10.96
C VAL A 288 16.80 -12.93 -12.48
N LYS A 289 16.85 -11.68 -12.94
CA LYS A 289 16.94 -11.34 -14.35
C LYS A 289 18.36 -11.58 -14.89
N THR A 290 18.45 -12.02 -16.13
CA THR A 290 19.72 -12.15 -16.86
C THR A 290 19.56 -11.62 -18.29
N ASN A 297 24.48 -7.82 -15.61
CA ASN A 297 23.87 -8.93 -14.86
C ASN A 297 23.80 -8.65 -13.36
N VAL A 298 24.98 -8.45 -12.76
CA VAL A 298 25.14 -8.24 -11.33
C VAL A 298 26.00 -7.01 -11.11
N LEU A 299 25.49 -6.00 -10.42
CA LEU A 299 26.32 -4.89 -10.00
C LEU A 299 26.96 -5.28 -8.66
N ILE A 300 28.27 -5.13 -8.52
CA ILE A 300 28.88 -5.18 -7.17
C ILE A 300 28.90 -3.74 -6.72
N VAL A 301 28.20 -3.47 -5.64
CA VAL A 301 28.08 -2.16 -5.09
C VAL A 301 29.31 -1.89 -4.26
N THR A 302 29.63 -2.84 -3.38
CA THR A 302 30.79 -2.73 -2.50
C THR A 302 31.09 -4.10 -1.92
N TYR A 303 32.07 -4.16 -1.02
CA TYR A 303 32.57 -5.42 -0.52
C TYR A 303 33.47 -5.24 0.70
N ASN A 304 33.60 -6.31 1.47
CA ASN A 304 34.58 -6.41 2.54
C ASN A 304 35.38 -7.68 2.21
N LEU A 305 36.60 -7.48 1.72
CA LEU A 305 37.56 -8.53 1.40
C LEU A 305 38.82 -8.18 2.16
N THR A 306 39.24 -9.10 3.03
CA THR A 306 40.25 -8.84 4.02
C THR A 306 40.88 -10.17 4.36
N ASP A 307 42.19 -10.13 4.54
CA ASP A 307 42.95 -11.32 4.86
C ASP A 307 43.19 -11.40 6.36
N THR A 308 43.45 -12.62 6.82
CA THR A 308 43.66 -12.89 8.24
C THR A 308 44.80 -12.08 8.90
N ASP A 309 45.78 -11.63 8.10
CA ASP A 309 46.87 -10.75 8.60
C ASP A 309 46.70 -9.27 8.25
N GLY A 310 45.55 -8.90 7.66
CA GLY A 310 45.31 -7.53 7.14
C GLY A 310 46.40 -6.90 6.27
N SER A 311 47.17 -7.72 5.55
CA SER A 311 48.27 -7.28 4.68
C SER A 311 47.86 -6.83 3.27
N MSE A 312 46.71 -7.32 2.77
CA MSE A 312 46.24 -7.01 1.42
C MSE A 312 46.10 -5.52 1.19
O MSE A 312 45.46 -4.82 1.97
CB MSE A 312 44.86 -7.65 1.16
CG MSE A 312 44.97 -9.13 0.79
SE MSE A 312 43.41 -9.75 -0.24
CE MSE A 312 41.92 -9.28 0.95
N SER A 313 46.72 -5.02 0.13
CA SER A 313 46.57 -3.63 -0.26
C SER A 313 45.17 -3.38 -0.84
N SER A 314 44.83 -2.12 -1.08
CA SER A 314 43.56 -1.82 -1.70
C SER A 314 43.59 -2.23 -3.17
N GLU A 315 44.77 -2.15 -3.80
CA GLU A 315 44.97 -2.67 -5.17
C GLU A 315 44.69 -4.16 -5.28
N ASP A 316 45.21 -4.92 -4.31
CA ASP A 316 44.94 -6.36 -4.18
C ASP A 316 43.43 -6.63 -4.17
N LYS A 317 42.73 -5.84 -3.35
CA LYS A 317 41.28 -5.92 -3.22
C LYS A 317 40.56 -5.50 -4.50
N ASP A 318 41.10 -4.52 -5.23
CA ASP A 318 40.55 -4.14 -6.56
C ASP A 318 40.52 -5.34 -7.49
N PHE A 319 41.70 -5.94 -7.74
CA PHE A 319 41.82 -7.09 -8.62
C PHE A 319 40.92 -8.25 -8.25
N LEU A 320 40.88 -8.53 -6.96
CA LEU A 320 40.07 -9.59 -6.41
C LEU A 320 38.57 -9.39 -6.69
N SER A 321 38.10 -8.15 -6.62
CA SER A 321 36.70 -7.82 -6.89
C SER A 321 36.33 -7.98 -8.37
N LEU A 322 37.33 -7.87 -9.23
CA LEU A 322 37.17 -8.19 -10.64
C LEU A 322 36.97 -9.68 -10.87
N ALA A 323 37.58 -10.51 -10.01
CA ALA A 323 37.42 -11.96 -10.09
C ALA A 323 36.00 -12.34 -9.70
N PHE A 324 35.52 -11.77 -8.61
CA PHE A 324 34.13 -11.95 -8.20
C PHE A 324 33.15 -11.38 -9.21
N ARG A 325 33.48 -10.23 -9.77
CA ARG A 325 32.65 -9.65 -10.83
C ARG A 325 32.45 -10.60 -12.00
N ASN A 326 33.54 -11.21 -12.44
CA ASN A 326 33.47 -12.22 -13.47
C ASN A 326 32.59 -13.37 -13.05
N TRP A 327 32.85 -13.86 -11.85
CA TRP A 327 32.16 -15.00 -11.32
C TRP A 327 30.64 -14.75 -11.14
N PHE A 328 30.27 -13.60 -10.60
CA PHE A 328 28.84 -13.27 -10.39
C PHE A 328 28.14 -13.14 -11.75
N ASN A 329 28.81 -12.52 -12.73
CA ASN A 329 28.26 -12.41 -14.09
C ASN A 329 28.06 -13.76 -14.76
N ASP A 330 28.94 -14.72 -14.48
CA ASP A 330 28.87 -16.06 -15.10
C ASP A 330 27.93 -16.98 -14.40
N ASN A 331 27.75 -16.80 -13.10
CA ASN A 331 27.08 -17.78 -12.26
C ASN A 331 25.80 -17.33 -11.57
N ILE A 332 25.31 -16.11 -11.82
CA ILE A 332 24.10 -15.61 -11.13
C ILE A 332 22.86 -16.48 -11.46
N GLN A 333 22.78 -16.97 -12.69
CA GLN A 333 21.72 -17.91 -13.08
C GLN A 333 21.64 -19.17 -12.17
N GLN A 334 22.72 -19.55 -11.49
CA GLN A 334 22.69 -20.59 -10.47
C GLN A 334 21.89 -20.24 -9.20
N PHE A 335 21.69 -18.96 -8.90
CA PHE A 335 20.80 -18.53 -7.80
C PHE A 335 19.38 -18.74 -8.33
N GLU A 336 18.82 -19.87 -7.95
CA GLU A 336 17.68 -20.44 -8.62
C GLU A 336 16.40 -20.22 -7.79
N GLN A 337 16.51 -19.38 -6.77
CA GLN A 337 15.40 -19.02 -5.90
C GLN A 337 14.24 -18.48 -6.68
N ILE A 338 13.05 -18.93 -6.36
CA ILE A 338 11.85 -18.32 -6.87
C ILE A 338 11.38 -17.50 -5.68
N PHE A 339 11.21 -16.20 -5.90
CA PHE A 339 10.80 -15.27 -4.85
C PHE A 339 9.27 -15.09 -4.79
N ALA A 340 8.55 -15.49 -5.84
CA ALA A 340 7.10 -15.37 -5.92
C ALA A 340 6.49 -16.22 -7.03
N TYR A 341 5.39 -16.91 -6.73
CA TYR A 341 4.66 -17.70 -7.72
C TYR A 341 3.33 -17.01 -7.90
N ILE A 342 3.00 -16.62 -9.13
CA ILE A 342 1.78 -15.88 -9.41
C ILE A 342 1.01 -16.54 -10.52
N LEU A 343 -0.29 -16.79 -10.30
CA LEU A 343 -1.17 -17.26 -11.34
C LEU A 343 -1.88 -16.06 -11.94
N LEU A 344 -1.66 -15.84 -13.22
CA LEU A 344 -2.17 -14.69 -13.92
C LEU A 344 -3.35 -15.10 -14.78
N ASP A 345 -4.35 -14.23 -14.85
CA ASP A 345 -5.59 -14.45 -15.61
C ASP A 345 -6.32 -15.71 -15.20
N GLU A 346 -6.31 -16.00 -13.91
CA GLU A 346 -7.01 -17.14 -13.35
C GLU A 346 -8.48 -16.77 -13.10
N THR A 347 -9.34 -17.76 -13.26
CA THR A 347 -10.72 -17.69 -12.83
C THR A 347 -10.75 -18.14 -11.39
N ALA A 348 -11.42 -17.37 -10.55
CA ALA A 348 -11.64 -17.73 -9.17
C ALA A 348 -12.76 -18.78 -9.05
N LYS A 349 -12.69 -19.57 -7.99
CA LYS A 349 -13.66 -20.64 -7.73
C LYS A 349 -15.03 -20.02 -7.38
N ILE A 350 -15.05 -19.08 -6.44
CA ILE A 350 -16.25 -18.29 -6.08
C ILE A 350 -16.27 -16.97 -6.89
N PRO A 351 -17.15 -16.83 -7.90
CA PRO A 351 -17.05 -15.65 -8.79
C PRO A 351 -17.13 -14.27 -8.12
N GLU A 352 -17.70 -14.19 -6.93
CA GLU A 352 -17.71 -12.93 -6.22
C GLU A 352 -16.32 -12.52 -5.73
N TYR A 353 -15.34 -13.41 -5.82
CA TYR A 353 -13.94 -13.07 -5.54
C TYR A 353 -13.02 -13.05 -6.76
N GLN A 354 -13.61 -12.88 -7.95
CA GLN A 354 -12.85 -12.70 -9.17
C GLN A 354 -11.98 -11.43 -9.10
N TRP A 355 -12.49 -10.42 -8.41
CA TRP A 355 -11.79 -9.16 -8.20
C TRP A 355 -10.46 -9.25 -7.43
N LEU A 356 -10.16 -10.37 -6.79
CA LEU A 356 -8.84 -10.56 -6.13
C LEU A 356 -7.78 -11.29 -6.98
N LYS A 357 -8.10 -11.63 -8.24
CA LYS A 357 -7.21 -12.42 -9.09
C LYS A 357 -6.39 -11.50 -10.01
N PRO A 358 -5.04 -11.63 -9.98
CA PRO A 358 -4.19 -10.72 -10.74
C PRO A 358 -4.31 -10.83 -12.25
N THR A 359 -4.40 -9.68 -12.90
CA THR A 359 -4.31 -9.56 -14.34
C THR A 359 -3.06 -8.79 -14.80
N GLN A 360 -2.46 -7.99 -13.93
CA GLN A 360 -1.11 -7.42 -14.20
C GLN A 360 -0.32 -7.52 -12.92
N ILE A 361 0.98 -7.72 -13.03
CA ILE A 361 1.83 -7.88 -11.86
C ILE A 361 3.12 -7.12 -12.00
N SER A 362 3.73 -6.86 -10.85
CA SER A 362 5.08 -6.33 -10.78
C SER A 362 5.58 -6.70 -9.38
N TYR A 363 6.68 -6.12 -8.96
CA TYR A 363 7.26 -6.43 -7.64
C TYR A 363 7.98 -5.18 -7.21
N GLY A 364 8.45 -5.18 -5.97
CA GLY A 364 9.22 -4.08 -5.48
C GLY A 364 9.69 -4.35 -4.07
N SER A 365 10.43 -3.39 -3.53
CA SER A 365 10.95 -3.51 -2.21
C SER A 365 11.00 -2.13 -1.57
N ALA A 366 11.13 -2.11 -0.25
CA ALA A 366 11.28 -0.89 0.51
C ALA A 366 12.25 -1.19 1.64
N SER A 367 13.43 -0.61 1.58
CA SER A 367 14.43 -0.83 2.59
C SER A 367 14.18 0.14 3.69
N VAL A 368 14.36 -0.33 4.93
CA VAL A 368 14.23 0.51 6.09
C VAL A 368 15.44 0.28 6.96
N GLU A 369 15.96 1.37 7.51
CA GLU A 369 17.15 1.33 8.34
C GLU A 369 16.78 1.67 9.79
N THR A 370 17.61 1.26 10.73
CA THR A 370 17.43 1.62 12.14
C THR A 370 17.83 3.07 12.35
N ALA A 371 17.52 3.61 13.54
CA ALA A 371 17.97 4.95 13.92
C ALA A 371 19.49 5.09 13.77
N ASN A 372 20.25 4.01 14.01
CA ASN A 372 21.72 3.96 13.80
C ASN A 372 22.18 3.58 12.38
N ASP A 373 21.27 3.61 11.41
CA ASP A 373 21.54 3.30 10.01
C ASP A 373 22.22 1.95 9.77
N GLU A 374 21.61 0.90 10.33
CA GLU A 374 21.86 -0.46 9.89
C GLU A 374 20.53 -1.04 9.43
N PRO A 375 20.56 -2.13 8.62
CA PRO A 375 19.36 -2.79 8.13
C PRO A 375 18.34 -3.11 9.21
N ASP A 376 17.09 -2.73 8.98
CA ASP A 376 15.94 -3.24 9.73
C ASP A 376 15.25 -4.21 8.78
N LEU A 377 15.55 -5.49 8.98
CA LEU A 377 15.08 -6.58 8.16
C LEU A 377 13.60 -6.94 8.39
N ASP A 378 13.07 -6.52 9.54
CA ASP A 378 11.64 -6.75 9.90
C ASP A 378 10.72 -5.71 9.34
N ALA A 379 11.20 -4.47 9.29
CA ALA A 379 10.47 -3.34 8.73
C ALA A 379 10.63 -3.25 7.19
N SER A 380 11.76 -3.70 6.66
CA SER A 380 11.98 -3.68 5.21
C SER A 380 11.05 -4.67 4.54
N ILE A 381 10.51 -4.28 3.37
CA ILE A 381 9.39 -4.99 2.77
C ILE A 381 9.74 -5.46 1.39
N PHE A 382 9.55 -6.76 1.14
CA PHE A 382 9.54 -7.28 -0.20
C PHE A 382 8.09 -7.54 -0.61
N SER A 383 7.76 -7.16 -1.85
CA SER A 383 6.38 -7.04 -2.27
C SER A 383 6.18 -7.52 -3.68
N ALA A 384 5.06 -8.21 -3.88
CA ALA A 384 4.50 -8.52 -5.19
C ALA A 384 3.22 -7.72 -5.27
N MSE A 385 2.98 -7.10 -6.42
CA MSE A 385 1.87 -6.19 -6.60
C MSE A 385 1.10 -6.60 -7.78
O MSE A 385 1.63 -7.28 -8.65
CB MSE A 385 2.34 -4.75 -6.90
CG MSE A 385 3.02 -4.17 -5.67
SE MSE A 385 4.96 -4.35 -5.91
CE MSE A 385 5.30 -2.57 -6.67
N SER A 386 -0.16 -6.17 -7.86
CA SER A 386 -1.03 -6.57 -8.94
C SER A 386 -2.09 -5.55 -9.24
N MSE A 387 -2.53 -5.54 -10.51
CA MSE A 387 -3.81 -4.98 -10.88
C MSE A 387 -4.75 -6.15 -11.05
O MSE A 387 -4.36 -7.25 -11.43
CB MSE A 387 -3.79 -4.20 -12.19
CG MSE A 387 -2.68 -3.16 -12.28
SE MSE A 387 -2.88 -1.76 -10.91
CE MSE A 387 -4.59 -0.94 -11.47
N VAL A 388 -6.02 -5.88 -10.79
CA VAL A 388 -7.06 -6.90 -10.93
C VAL A 388 -8.06 -6.46 -12.00
N GLU A 389 -8.90 -7.40 -12.43
CA GLU A 389 -10.04 -7.11 -13.31
C GLU A 389 -9.67 -6.43 -14.60
N ASN A 390 -8.46 -6.66 -15.08
CA ASN A 390 -7.94 -5.99 -16.29
C ASN A 390 -7.91 -4.46 -16.19
N ASN A 391 -7.80 -3.95 -14.96
CA ASN A 391 -7.43 -2.57 -14.74
C ASN A 391 -5.99 -2.51 -15.20
N THR A 392 -5.64 -1.53 -16.01
CA THR A 392 -4.25 -1.37 -16.47
C THR A 392 -3.59 -0.31 -15.65
N ASN A 393 -2.32 -0.55 -15.37
CA ASN A 393 -1.46 0.39 -14.74
C ASN A 393 -0.48 0.68 -15.88
N SER A 394 -0.65 1.86 -16.46
CA SER A 394 0.18 2.29 -17.58
C SER A 394 1.48 2.97 -17.14
N THR A 395 1.65 3.21 -15.83
CA THR A 395 2.88 3.72 -15.27
C THR A 395 3.27 2.79 -14.12
N PRO A 396 3.76 1.58 -14.44
CA PRO A 396 4.02 0.63 -13.37
C PRO A 396 5.23 1.04 -12.50
N SER A 397 4.93 1.70 -11.39
CA SER A 397 5.97 2.02 -10.42
C SER A 397 6.31 0.75 -9.66
N HIS A 398 7.55 0.67 -9.21
CA HIS A 398 8.03 -0.41 -8.33
C HIS A 398 8.13 0.04 -6.87
N ALA A 399 7.73 1.27 -6.58
CA ALA A 399 7.85 1.80 -5.24
C ALA A 399 6.80 1.15 -4.33
N VAL A 400 7.21 0.99 -3.07
CA VAL A 400 6.49 0.34 -2.03
C VAL A 400 6.54 1.28 -0.81
N ASP A 401 5.38 1.49 -0.18
CA ASP A 401 5.25 2.35 0.98
C ASP A 401 5.93 1.67 2.15
N ASN A 402 6.99 2.28 2.69
CA ASN A 402 7.84 1.65 3.71
C ASN A 402 7.27 1.52 5.13
N ARG A 403 6.04 1.97 5.34
CA ARG A 403 5.45 2.03 6.69
C ARG A 403 4.61 0.81 7.08
N MSE A 404 4.18 0.03 6.09
CA MSE A 404 3.19 -1.04 6.30
C MSE A 404 3.54 -2.02 7.42
O MSE A 404 2.73 -2.26 8.31
CB MSE A 404 2.92 -1.79 4.99
CG MSE A 404 1.99 -0.97 4.11
SE MSE A 404 1.85 -1.63 2.25
CE MSE A 404 1.66 -3.58 2.51
N LEU A 405 4.75 -2.59 7.39
CA LEU A 405 5.11 -3.62 8.38
C LEU A 405 5.48 -2.99 9.71
N GLN A 406 6.07 -1.79 9.67
CA GLN A 406 6.22 -0.94 10.86
C GLN A 406 4.92 -0.72 11.60
N LEU A 407 3.84 -0.54 10.85
CA LEU A 407 2.51 -0.37 11.44
C LEU A 407 1.92 -1.69 11.95
N THR A 408 1.84 -2.70 11.07
CA THR A 408 1.21 -3.97 11.43
C THR A 408 2.03 -4.75 12.45
N LYS A 409 3.35 -4.53 12.45
CA LYS A 409 4.29 -5.28 13.28
C LYS A 409 4.14 -6.77 13.07
N THR A 410 3.87 -7.16 11.84
CA THR A 410 3.77 -8.55 11.45
C THR A 410 4.82 -8.80 10.39
N GLN A 411 5.12 -10.07 10.18
CA GLN A 411 6.14 -10.46 9.25
C GLN A 411 5.63 -10.44 7.82
N ALA A 412 4.30 -10.50 7.66
CA ALA A 412 3.66 -10.52 6.34
C ALA A 412 2.39 -9.71 6.35
N ALA A 413 1.97 -9.30 5.16
CA ALA A 413 0.76 -8.52 5.02
C ALA A 413 0.25 -8.52 3.58
N PHE A 414 -1.01 -8.12 3.45
CA PHE A 414 -1.69 -7.98 2.17
C PHE A 414 -2.43 -6.66 2.17
N GLY A 415 -2.45 -5.96 1.04
CA GLY A 415 -3.07 -4.65 0.94
C GLY A 415 -4.05 -4.54 -0.21
N ILE A 416 -5.16 -3.84 0.03
CA ILE A 416 -6.19 -3.58 -0.98
C ILE A 416 -6.38 -2.07 -0.98
N SER A 417 -6.44 -1.50 -2.18
CA SER A 417 -6.52 -0.04 -2.30
C SER A 417 -7.96 0.36 -2.04
N PHE A 418 -8.10 1.59 -1.57
CA PHE A 418 -9.38 2.15 -1.26
C PHE A 418 -10.30 2.16 -2.49
N PRO A 419 -9.82 2.57 -3.68
CA PRO A 419 -10.72 2.47 -4.85
C PRO A 419 -11.30 1.06 -5.11
N LEU A 420 -10.48 0.03 -4.95
CA LEU A 420 -10.94 -1.35 -5.11
C LEU A 420 -11.92 -1.74 -4.00
N PHE A 421 -11.58 -1.33 -2.78
CA PHE A 421 -12.41 -1.54 -1.61
C PHE A 421 -13.81 -0.94 -1.76
N ILE A 422 -13.91 0.27 -2.28
CA ILE A 422 -15.24 0.87 -2.46
C ILE A 422 -16.02 0.26 -3.65
N GLU A 423 -15.32 -0.14 -4.71
CA GLU A 423 -15.98 -0.78 -5.87
C GLU A 423 -16.49 -2.17 -5.55
N HIS A 424 -15.90 -2.85 -4.57
CA HIS A 424 -16.28 -4.22 -4.27
C HIS A 424 -16.95 -4.45 -2.93
N PHE A 425 -16.54 -3.73 -1.88
CA PHE A 425 -17.23 -3.86 -0.60
C PHE A 425 -18.33 -2.81 -0.39
N LEU A 426 -18.01 -1.52 -0.51
CA LEU A 426 -19.00 -0.49 -0.19
C LEU A 426 -20.14 -0.46 -1.17
N LYS A 427 -19.84 -0.63 -2.45
CA LYS A 427 -20.90 -0.67 -3.46
C LYS A 427 -21.96 -1.73 -3.06
N GLN A 428 -21.50 -2.94 -2.77
CA GLN A 428 -22.40 -3.99 -2.34
C GLN A 428 -23.12 -3.65 -1.03
N ALA A 429 -22.38 -3.10 -0.05
CA ALA A 429 -22.94 -2.82 1.27
C ALA A 429 -24.18 -1.91 1.19
N LEU A 430 -24.08 -0.88 0.37
CA LEU A 430 -25.22 0.00 0.09
C LEU A 430 -26.33 -0.72 -0.70
N LEU A 431 -25.96 -1.65 -1.56
CA LEU A 431 -26.93 -2.52 -2.24
C LEU A 431 -27.62 -3.44 -1.26
N SER A 432 -26.87 -3.98 -0.32
CA SER A 432 -27.44 -4.84 0.72
C SER A 432 -28.41 -4.08 1.59
N SER A 433 -28.18 -2.79 1.77
CA SER A 433 -29.08 -1.92 2.56
C SER A 433 -30.52 -1.84 2.01
N GLN A 434 -30.66 -2.02 0.69
CA GLN A 434 -31.93 -1.89 0.00
C GLN A 434 -32.51 -0.50 0.22
N PHE A 435 -31.67 0.52 0.45
CA PHE A 435 -32.11 1.90 0.37
C PHE A 435 -32.20 2.33 -1.10
N ILE A 436 -31.59 1.56 -2.01
CA ILE A 436 -31.38 2.01 -3.38
C ILE A 436 -31.16 0.81 -4.32
N SER A 437 -31.64 0.95 -5.55
CA SER A 437 -31.51 -0.08 -6.57
C SER A 437 -30.24 0.13 -7.34
N VAL A 438 -29.83 -0.93 -8.03
CA VAL A 438 -28.63 -0.89 -8.86
C VAL A 438 -28.72 0.11 -10.03
N ASP A 439 -29.93 0.41 -10.52
CA ASP A 439 -30.15 1.46 -11.54
C ASP A 439 -29.79 2.87 -11.06
N ASP A 440 -29.93 3.13 -9.76
CA ASP A 440 -29.72 4.46 -9.19
C ASP A 440 -28.36 4.68 -8.51
N ILE A 441 -27.54 3.63 -8.42
CA ILE A 441 -26.30 3.66 -7.63
C ILE A 441 -25.12 4.05 -8.51
N VAL A 442 -24.22 4.86 -7.96
CA VAL A 442 -22.98 5.25 -8.66
C VAL A 442 -21.84 5.28 -7.65
N ALA A 443 -20.70 4.76 -8.07
CA ALA A 443 -19.48 4.76 -7.29
C ALA A 443 -18.61 5.89 -7.82
N ASP A 444 -18.09 6.74 -6.93
CA ASP A 444 -17.12 7.78 -7.28
C ASP A 444 -15.78 7.50 -6.59
N ILE A 445 -14.86 6.90 -7.34
CA ILE A 445 -13.51 6.63 -6.85
C ILE A 445 -12.85 7.91 -6.33
N ASN A 446 -13.02 9.01 -7.06
CA ASN A 446 -12.36 10.27 -6.71
C ASN A 446 -12.65 10.64 -5.27
N THR A 447 -13.91 10.55 -4.86
CA THR A 447 -14.32 10.88 -3.47
C THR A 447 -14.58 9.67 -2.53
N LEU A 448 -14.31 8.46 -3.02
CA LEU A 448 -14.45 7.21 -2.25
C LEU A 448 -15.86 7.10 -1.68
N THR A 449 -16.83 7.25 -2.57
CA THR A 449 -18.22 7.48 -2.22
C THR A 449 -19.11 6.66 -3.14
N ILE A 450 -20.10 5.98 -2.56
CA ILE A 450 -21.17 5.34 -3.30
C ILE A 450 -22.37 6.20 -3.04
N THR A 451 -23.07 6.61 -4.10
CA THR A 451 -24.18 7.55 -3.98
C THR A 451 -25.27 7.28 -5.01
N ASN A 452 -26.30 8.12 -4.98
CA ASN A 452 -27.45 7.97 -5.86
C ASN A 452 -27.32 8.97 -7.00
N ASN A 453 -27.51 8.48 -8.22
CA ASN A 453 -27.35 9.28 -9.44
C ASN A 453 -28.62 10.07 -9.82
N LYS A 454 -29.75 9.73 -9.20
CA LYS A 454 -30.97 10.50 -9.40
C LYS A 454 -31.78 10.48 -8.12
N GLN A 455 -32.82 11.30 -8.08
CA GLN A 455 -33.75 11.38 -6.97
C GLN A 455 -34.38 10.04 -6.70
N ILE A 456 -34.51 9.70 -5.42
CA ILE A 456 -35.11 8.44 -5.00
C ILE A 456 -36.08 8.70 -3.88
N ILE A 457 -36.96 7.73 -3.66
CA ILE A 457 -37.78 7.66 -2.48
C ILE A 457 -37.00 6.88 -1.43
N PHE A 458 -36.85 7.42 -0.23
CA PHE A 458 -36.17 6.69 0.85
C PHE A 458 -37.21 5.80 1.49
N GLY A 459 -38.39 6.35 1.76
CA GLY A 459 -39.47 5.52 2.26
C GLY A 459 -40.69 6.29 2.68
N LYS A 460 -41.80 5.58 2.87
CA LYS A 460 -43.03 6.13 3.42
C LYS A 460 -42.91 6.30 4.95
N VAL A 461 -43.46 7.41 5.43
CA VAL A 461 -43.46 7.75 6.85
C VAL A 461 -44.83 8.33 7.24
N GLU A 462 -45.27 8.06 8.47
CA GLU A 462 -46.49 8.69 9.00
C GLU A 462 -46.08 10.02 9.61
N ASN A 463 -46.55 11.12 9.02
CA ASN A 463 -46.21 12.46 9.53
C ASN A 463 -47.00 12.81 10.78
N SER A 464 -46.78 14.01 11.30
CA SER A 464 -47.31 14.43 12.60
C SER A 464 -48.84 14.59 12.62
N ASP A 465 -49.45 14.84 11.45
CA ASP A 465 -50.90 14.94 11.27
C ASP A 465 -51.54 13.59 10.85
N GLY A 466 -50.81 12.48 11.03
CA GLY A 466 -51.30 11.15 10.75
C GLY A 466 -51.36 10.75 9.28
N LYS A 467 -50.71 11.51 8.40
CA LYS A 467 -50.73 11.24 6.97
C LYS A 467 -49.46 10.51 6.50
N ASN A 468 -49.64 9.45 5.71
CA ASN A 468 -48.51 8.72 5.10
C ASN A 468 -47.96 9.46 3.87
N VAL A 469 -46.66 9.74 3.91
CA VAL A 469 -45.98 10.57 2.90
C VAL A 469 -44.62 9.97 2.52
N ASP A 470 -44.22 10.19 1.29
CA ASP A 470 -42.93 9.76 0.80
C ASP A 470 -41.88 10.71 1.32
N SER A 471 -40.78 10.16 1.84
CA SER A 471 -39.57 10.92 2.14
C SER A 471 -38.58 10.61 1.05
N SER A 472 -37.86 11.63 0.58
CA SER A 472 -37.01 11.49 -0.60
C SER A 472 -35.64 12.17 -0.48
N LEU A 473 -34.75 11.84 -1.40
CA LEU A 473 -33.36 12.33 -1.40
C LEU A 473 -32.95 12.68 -2.81
N LYS A 474 -32.33 13.86 -2.97
CA LYS A 474 -31.94 14.40 -4.27
C LYS A 474 -30.70 13.65 -4.76
N PRO A 475 -30.31 13.84 -6.05
CA PRO A 475 -29.09 13.16 -6.50
C PRO A 475 -27.90 13.53 -5.62
N GLY A 476 -27.05 12.56 -5.29
CA GLY A 476 -25.88 12.84 -4.46
C GLY A 476 -26.15 12.90 -2.97
N LYS A 477 -27.40 12.68 -2.53
CA LYS A 477 -27.74 12.96 -1.14
C LYS A 477 -27.69 11.77 -0.18
N LEU A 478 -27.69 10.56 -0.73
CA LEU A 478 -27.41 9.36 0.03
C LEU A 478 -25.97 9.03 -0.25
N LYS A 479 -25.18 8.83 0.80
CA LYS A 479 -23.75 8.55 0.62
C LYS A 479 -23.27 7.48 1.58
N LEU A 480 -22.53 6.52 1.04
CA LEU A 480 -21.74 5.60 1.82
C LEU A 480 -20.31 5.78 1.32
N SER A 481 -19.42 6.22 2.20
CA SER A 481 -18.11 6.66 1.79
C SER A 481 -17.02 6.32 2.79
N LEU A 482 -15.78 6.51 2.34
CA LEU A 482 -14.59 6.44 3.20
C LEU A 482 -14.12 7.86 3.48
N GLN A 483 -14.02 8.21 4.75
CA GLN A 483 -13.52 9.50 5.21
C GLN A 483 -12.70 9.23 6.47
N ASN A 484 -11.46 9.69 6.49
CA ASN A 484 -10.55 9.47 7.63
C ASN A 484 -10.52 8.02 8.08
N ASN A 485 -10.42 7.09 7.14
CA ASN A 485 -10.40 5.65 7.46
C ASN A 485 -11.62 5.11 8.21
N LEU A 486 -12.78 5.71 8.00
CA LEU A 486 -14.04 5.22 8.58
C LEU A 486 -15.09 5.16 7.49
N ILE A 487 -16.01 4.21 7.62
CA ILE A 487 -17.14 4.14 6.71
C ILE A 487 -18.22 5.06 7.24
N VAL A 488 -18.68 5.99 6.40
CA VAL A 488 -19.62 7.03 6.80
C VAL A 488 -20.90 6.90 5.97
N LEU A 489 -22.01 6.69 6.66
CA LEU A 489 -23.34 6.67 6.06
C LEU A 489 -23.90 8.04 6.26
N GLU A 490 -24.25 8.71 5.16
CA GLU A 490 -24.82 10.06 5.21
C GLU A 490 -26.13 10.09 4.43
N LEU A 491 -27.12 10.77 5.02
CA LEU A 491 -28.33 11.18 4.33
C LEU A 491 -28.40 12.70 4.48
N PHE A 492 -28.35 13.42 3.36
CA PHE A 492 -28.51 14.88 3.38
C PHE A 492 -29.85 15.27 2.77
N ASP A 493 -30.52 16.25 3.35
CA ASP A 493 -31.76 16.79 2.78
C ASP A 493 -32.84 15.69 2.55
N LEU A 494 -32.99 14.79 3.54
CA LEU A 494 -34.10 13.84 3.59
C LEU A 494 -35.35 14.69 3.81
N THR A 495 -36.20 14.75 2.79
CA THR A 495 -37.32 15.68 2.75
C THR A 495 -38.68 14.96 2.86
N TRP A 496 -39.58 15.54 3.65
CA TRP A 496 -40.99 15.19 3.54
C TRP A 496 -41.86 16.26 4.19
N GLU A 497 -43.18 16.08 4.05
CA GLU A 497 -44.17 17.00 4.55
C GLU A 497 -44.54 16.54 5.95
N GLN A 498 -44.05 17.24 6.97
CA GLN A 498 -44.25 16.80 8.36
C GLN A 498 -45.67 17.05 8.89
N GLY A 499 -46.44 17.90 8.21
CA GLY A 499 -47.76 18.31 8.70
C GLY A 499 -48.06 19.72 8.26
N ARG A 500 -49.37 20.00 8.06
CA ARG A 500 -49.86 21.34 7.72
C ARG A 500 -49.14 21.99 6.52
N GLY A 501 -48.78 21.22 5.50
CA GLY A 501 -48.05 21.76 4.33
C GLY A 501 -46.59 22.23 4.58
N VAL A 502 -46.02 21.92 5.75
CA VAL A 502 -44.62 22.22 6.05
C VAL A 502 -43.68 21.14 5.48
N THR A 503 -42.63 21.57 4.78
CA THR A 503 -41.61 20.67 4.25
C THR A 503 -40.40 20.72 5.15
N GLY A 504 -40.10 19.60 5.77
CA GLY A 504 -38.96 19.45 6.66
C GLY A 504 -37.82 18.75 5.92
N HIS A 505 -36.63 18.90 6.49
CA HIS A 505 -35.38 18.49 5.89
C HIS A 505 -34.45 17.99 7.00
N PHE A 506 -33.96 16.76 6.85
CA PHE A 506 -33.10 16.14 7.84
C PHE A 506 -31.75 15.73 7.22
N ASP A 507 -30.71 15.84 8.02
CA ASP A 507 -29.39 15.31 7.72
C ASP A 507 -29.11 14.30 8.81
N PHE A 508 -28.54 13.16 8.42
CA PHE A 508 -28.11 12.12 9.33
C PHE A 508 -26.73 11.64 8.89
N ARG A 509 -25.86 11.38 9.87
CA ARG A 509 -24.47 11.02 9.63
C ARG A 509 -24.04 10.08 10.75
N GLN A 510 -23.44 8.95 10.38
CA GLN A 510 -22.93 7.96 11.33
C GLN A 510 -21.65 7.37 10.76
N GLU A 511 -20.63 7.32 11.60
CA GLU A 511 -19.37 6.73 11.22
C GLU A 511 -19.35 5.32 11.72
N TYR A 512 -18.73 4.43 10.94
CA TYR A 512 -18.52 3.04 11.31
C TYR A 512 -17.05 2.70 11.14
N GLU A 513 -16.59 1.76 11.93
CA GLU A 513 -15.21 1.32 11.93
C GLU A 513 -15.17 -0.15 11.59
N LEU A 514 -14.28 -0.54 10.70
CA LEU A 514 -14.08 -1.95 10.36
C LEU A 514 -12.88 -2.50 11.11
N THR A 515 -13.14 -3.05 12.30
CA THR A 515 -12.12 -3.67 13.16
C THR A 515 -12.05 -5.20 13.00
N LEU A 516 -11.13 -5.81 13.72
CA LEU A 516 -11.11 -7.24 13.95
C LEU A 516 -11.39 -7.51 15.43
N GLU A 517 -12.28 -8.45 15.71
CA GLU A 517 -12.65 -8.79 17.07
C GLU A 517 -12.41 -10.26 17.25
N SER A 518 -11.87 -10.63 18.42
CA SER A 518 -11.71 -12.04 18.78
C SER A 518 -13.08 -12.59 19.23
N LYS A 519 -13.47 -13.73 18.65
CA LYS A 519 -14.75 -14.39 18.94
C LYS A 519 -14.49 -15.88 18.79
N SER A 520 -14.72 -16.65 19.84
CA SER A 520 -14.39 -18.09 19.86
C SER A 520 -12.88 -18.28 19.53
N GLU A 521 -12.04 -17.34 19.98
CA GLU A 521 -10.60 -17.32 19.65
C GLU A 521 -10.26 -17.25 18.11
N LYS A 522 -11.15 -16.64 17.31
CA LYS A 522 -10.90 -16.36 15.89
C LYS A 522 -11.03 -14.86 15.74
N GLN A 523 -10.41 -14.33 14.69
CA GLN A 523 -10.46 -12.90 14.39
C GLN A 523 -11.56 -12.69 13.35
N ILE A 524 -12.59 -11.91 13.72
CA ILE A 524 -13.80 -11.71 12.92
C ILE A 524 -13.89 -10.25 12.52
N PRO A 525 -14.02 -9.98 11.20
CA PRO A 525 -14.25 -8.60 10.77
C PRO A 525 -15.70 -8.14 11.05
N ILE A 526 -15.81 -7.12 11.87
CA ILE A 526 -17.06 -6.51 12.28
C ILE A 526 -17.03 -5.06 11.84
N LEU A 527 -18.11 -4.60 11.22
CA LEU A 527 -18.35 -3.18 10.99
C LEU A 527 -19.19 -2.65 12.13
N LYS A 528 -18.65 -1.73 12.94
CA LYS A 528 -19.38 -1.26 14.10
C LYS A 528 -19.44 0.27 14.29
N VAL A 529 -20.52 0.74 14.90
CA VAL A 529 -20.71 2.19 15.10
C VAL A 529 -19.48 2.78 15.77
N HIS A 530 -19.13 3.95 15.29
CA HIS A 530 -18.01 4.70 15.80
C HIS A 530 -18.53 6.08 16.16
N ASP A 531 -18.57 6.33 17.47
CA ASP A 531 -19.15 7.52 18.08
C ASP A 531 -20.67 7.60 17.79
N GLU A 532 -21.28 8.63 18.37
CA GLU A 532 -22.69 8.88 18.25
C GLU A 532 -22.94 9.47 16.84
N PRO A 533 -24.18 9.37 16.33
CA PRO A 533 -24.51 10.09 15.10
C PRO A 533 -24.61 11.60 15.29
N GLU A 534 -24.85 12.30 14.19
CA GLU A 534 -25.03 13.72 14.17
C GLU A 534 -26.19 13.96 13.24
N ILE A 535 -27.12 14.77 13.70
CA ILE A 535 -28.39 14.96 13.04
C ILE A 535 -28.59 16.45 12.94
N GLU A 536 -29.09 16.89 11.80
CA GLU A 536 -29.45 18.26 11.61
C GLU A 536 -30.85 18.30 11.03
N TYR A 537 -31.58 19.38 11.30
CA TYR A 537 -32.91 19.64 10.73
C TYR A 537 -32.99 21.08 10.28
N TYR A 538 -33.68 21.32 9.17
CA TYR A 538 -33.92 22.67 8.72
C TYR A 538 -35.27 22.83 7.99
N VAL A 539 -35.82 24.04 8.09
CA VAL A 539 -37.17 24.33 7.59
C VAL A 539 -37.19 25.80 7.19
N GLU A 540 -38.04 26.15 6.22
CA GLU A 540 -38.35 27.57 5.94
C GLU A 540 -38.62 28.29 7.27
N GLU A 541 -38.11 29.51 7.40
CA GLU A 541 -38.27 30.28 8.64
C GLU A 541 -39.72 30.73 8.87
N ALA A 542 -40.40 31.12 7.79
CA ALA A 542 -41.81 31.49 7.83
C ALA A 542 -42.63 30.39 8.50
N GLN A 543 -42.40 29.14 8.09
CA GLN A 543 -43.10 27.98 8.63
C GLN A 543 -42.80 27.76 10.10
N TRP A 544 -41.53 27.93 10.48
CA TRP A 544 -41.12 27.80 11.89
C TRP A 544 -41.88 28.79 12.78
N LYS A 545 -42.05 30.03 12.30
CA LYS A 545 -42.77 31.08 13.04
C LYS A 545 -44.24 30.69 13.20
N ALA A 546 -44.88 30.41 12.07
CA ALA A 546 -46.26 29.97 12.05
C ALA A 546 -46.58 28.73 12.92
N ASN A 547 -45.65 27.75 12.96
CA ASN A 547 -45.97 26.38 13.37
C ASN A 547 -44.93 25.80 14.32
N GLU A 548 -44.30 26.64 15.15
CA GLU A 548 -43.16 26.19 15.96
C GLU A 548 -43.40 24.90 16.76
N ASP A 549 -44.42 24.89 17.60
CA ASP A 549 -44.58 23.77 18.57
C ASP A 549 -44.83 22.44 17.91
N MSE A 550 -45.41 22.48 16.71
CA MSE A 550 -45.64 21.29 15.91
C MSE A 550 -44.37 20.76 15.30
O MSE A 550 -44.17 19.55 15.23
CB MSE A 550 -46.61 21.64 14.80
CG MSE A 550 -47.13 20.43 14.06
SE MSE A 550 -46.06 20.08 12.46
CE MSE A 550 -47.14 21.11 11.19
N ILE A 551 -43.52 21.68 14.84
CA ILE A 551 -42.22 21.33 14.26
C ILE A 551 -41.31 20.75 15.33
N VAL A 552 -41.30 21.34 16.52
CA VAL A 552 -40.46 20.82 17.57
C VAL A 552 -40.85 19.38 17.91
N SER A 553 -42.13 19.12 18.10
CA SER A 553 -42.58 17.78 18.48
C SER A 553 -42.28 16.75 17.40
N ALA A 554 -42.44 17.15 16.13
CA ALA A 554 -42.09 16.32 15.00
C ALA A 554 -40.59 16.10 14.93
N VAL A 555 -39.80 17.13 15.19
CA VAL A 555 -38.36 16.96 15.20
C VAL A 555 -37.91 16.02 16.33
N VAL A 556 -38.48 16.23 17.53
CA VAL A 556 -38.20 15.38 18.70
C VAL A 556 -38.49 13.92 18.38
N GLY A 557 -39.66 13.64 17.81
CA GLY A 557 -40.04 12.27 17.43
C GLY A 557 -39.02 11.63 16.51
N THR A 558 -38.68 12.34 15.45
CA THR A 558 -37.79 11.85 14.44
C THR A 558 -36.35 11.68 14.96
N VAL A 559 -35.87 12.59 15.78
CA VAL A 559 -34.54 12.45 16.37
C VAL A 559 -34.53 11.27 17.33
N PHE A 560 -35.62 11.07 18.05
CA PHE A 560 -35.73 9.90 18.93
C PHE A 560 -35.68 8.53 18.22
N SER A 561 -36.38 8.39 17.10
CA SER A 561 -36.34 7.15 16.33
C SER A 561 -34.96 6.97 15.68
N MSE A 562 -34.37 8.08 15.20
CA MSE A 562 -32.99 8.07 14.68
C MSE A 562 -32.02 7.55 15.73
O MSE A 562 -31.32 6.58 15.50
CB MSE A 562 -32.58 9.44 14.16
CG MSE A 562 -33.16 9.62 12.76
SE MSE A 562 -32.73 11.41 12.13
CE MSE A 562 -33.36 11.44 10.27
N ILE A 563 -32.04 8.16 16.91
CA ILE A 563 -31.15 7.75 18.00
C ILE A 563 -31.40 6.32 18.46
N LEU A 564 -32.67 5.96 18.67
CA LEU A 564 -33.05 4.66 19.24
C LEU A 564 -33.19 3.52 18.23
N GLY A 565 -33.39 3.84 16.94
CA GLY A 565 -33.63 2.83 15.92
C GLY A 565 -35.03 2.24 15.88
N ALA A 566 -35.99 2.90 16.54
CA ALA A 566 -37.41 2.51 16.49
C ALA A 566 -38.29 3.71 16.90
N GLY A 567 -39.47 3.82 16.28
CA GLY A 567 -40.45 4.83 16.66
C GLY A 567 -41.39 4.31 17.73
N MSE A 568 -40.88 4.18 18.95
CA MSE A 568 -41.65 3.69 20.10
C MSE A 568 -42.18 4.86 20.90
O MSE A 568 -41.63 5.96 20.86
CB MSE A 568 -40.78 2.76 20.95
CG MSE A 568 -39.63 3.45 21.70
SE MSE A 568 -38.82 2.18 22.95
CE MSE A 568 -40.22 2.16 24.33
N LYS A 569 -43.27 4.62 21.64
CA LYS A 569 -43.88 5.64 22.51
C LYS A 569 -43.00 5.90 23.74
N LEU A 570 -42.80 7.17 24.05
CA LEU A 570 -41.94 7.60 25.15
C LEU A 570 -42.75 8.36 26.20
N ALA A 571 -42.19 8.48 27.40
CA ALA A 571 -42.76 9.28 28.49
C ALA A 571 -43.15 10.70 28.02
N GLY A 572 -44.33 11.18 28.45
CA GLY A 572 -44.73 12.58 28.21
C GLY A 572 -43.67 13.59 28.64
N SER A 573 -42.98 13.29 29.74
CA SER A 573 -41.86 14.10 30.26
C SER A 573 -40.63 14.11 29.34
N ALA A 574 -40.32 12.95 28.76
CA ALA A 574 -39.19 12.80 27.84
C ALA A 574 -39.32 13.66 26.58
N LEU A 575 -40.54 13.85 26.08
CA LEU A 575 -40.78 14.69 24.90
C LEU A 575 -40.64 16.18 25.17
N SER A 576 -41.03 16.62 26.36
CA SER A 576 -40.82 18.01 26.75
C SER A 576 -39.34 18.26 27.15
N LYS A 577 -38.66 17.24 27.65
CA LYS A 577 -37.23 17.33 27.97
C LYS A 577 -36.40 17.43 26.67
N ALA A 578 -36.73 16.60 25.69
CA ALA A 578 -36.09 16.67 24.37
C ALA A 578 -36.47 17.96 23.63
N GLY A 579 -37.72 18.40 23.82
CA GLY A 579 -38.21 19.68 23.29
C GLY A 579 -37.44 20.94 23.73
N LYS A 580 -37.05 21.02 25.02
CA LYS A 580 -36.21 22.14 25.50
C LYS A 580 -34.86 22.17 24.78
N LEU A 581 -34.29 20.99 24.54
CA LEU A 581 -32.98 20.83 23.91
C LEU A 581 -33.06 21.17 22.43
N ILE A 582 -34.06 20.63 21.74
CA ILE A 582 -34.27 20.97 20.33
C ILE A 582 -34.36 22.49 20.17
N ARG A 583 -35.25 23.12 20.94
CA ARG A 583 -35.46 24.57 20.88
C ARG A 583 -34.16 25.34 21.10
N SER A 584 -33.45 25.01 22.19
CA SER A 584 -32.16 25.63 22.54
C SER A 584 -31.02 25.52 21.51
N LYS A 585 -31.12 24.60 20.53
CA LYS A 585 -30.19 24.55 19.38
C LYS A 585 -30.76 25.20 18.10
N ALA A 586 -31.87 25.91 18.20
CA ALA A 586 -32.51 26.46 16.99
C ALA A 586 -31.87 27.78 16.63
N THR A 587 -31.22 27.84 15.46
CA THR A 587 -30.61 29.07 14.96
C THR A 587 -31.17 29.37 13.57
N THR A 588 -30.81 30.54 13.04
CA THR A 588 -31.37 31.05 11.79
C THR A 588 -30.24 31.26 10.79
N ILE A 589 -30.41 30.77 9.56
CA ILE A 589 -29.51 31.09 8.46
C ILE A 589 -30.32 31.28 7.17
N LYS A 590 -30.19 32.46 6.58
CA LYS A 590 -30.64 32.74 5.21
C LYS A 590 -32.06 32.24 4.93
N GLY A 591 -33.01 32.76 5.69
CA GLY A 591 -34.42 32.42 5.54
C GLY A 591 -34.85 31.01 5.91
N ARG A 592 -34.01 30.30 6.66
CA ARG A 592 -34.31 28.97 7.16
C ARG A 592 -33.90 28.90 8.61
N LYS A 593 -34.61 28.10 9.39
CA LYS A 593 -34.31 27.84 10.77
C LYS A 593 -33.55 26.51 10.78
N LYS A 594 -32.47 26.43 11.54
CA LYS A 594 -31.61 25.23 11.61
C LYS A 594 -31.46 24.73 13.04
N ILE A 595 -31.48 23.41 13.19
CA ILE A 595 -31.29 22.76 14.47
C ILE A 595 -30.20 21.73 14.25
N TYR A 596 -29.12 21.87 15.01
CA TYR A 596 -28.01 20.92 14.94
C TYR A 596 -27.94 20.19 16.26
N ILE A 597 -27.92 18.86 16.17
CA ILE A 597 -27.91 17.95 17.30
C ILE A 597 -26.56 17.25 17.23
N ASN A 598 -25.65 17.74 18.05
CA ASN A 598 -24.29 17.22 18.05
C ASN A 598 -24.25 15.95 18.92
N ARG A 599 -23.04 15.40 19.08
CA ARG A 599 -22.84 14.09 19.70
C ARG A 599 -23.18 14.02 21.18
N SER A 600 -22.93 15.09 21.93
CA SER A 600 -23.34 15.12 23.34
C SER A 600 -24.84 15.34 23.45
N ASN A 601 -25.42 16.11 22.53
CA ASN A 601 -26.88 16.26 22.41
C ASN A 601 -27.54 14.88 22.22
N VAL A 602 -26.93 14.03 21.38
CA VAL A 602 -27.38 12.63 21.22
C VAL A 602 -27.28 11.85 22.54
N ARG A 603 -26.14 11.97 23.22
CA ARG A 603 -25.97 11.27 24.52
C ARG A 603 -27.01 11.72 25.53
N GLN A 604 -27.25 13.03 25.60
CA GLN A 604 -28.26 13.56 26.51
C GLN A 604 -29.66 13.10 26.12
N LEU A 605 -29.98 13.16 24.82
CA LEU A 605 -31.27 12.66 24.32
C LEU A 605 -31.48 11.17 24.61
N ARG A 606 -30.44 10.36 24.47
CA ARG A 606 -30.54 8.94 24.86
C ARG A 606 -30.92 8.79 26.35
N LYS A 607 -30.31 9.58 27.22
CA LYS A 607 -30.68 9.55 28.64
C LYS A 607 -32.12 10.01 28.87
N ASP A 608 -32.52 11.10 28.21
CA ASP A 608 -33.89 11.62 28.35
C ASP A 608 -34.96 10.67 27.79
N SER A 609 -34.60 9.80 26.85
CA SER A 609 -35.57 8.83 26.31
C SER A 609 -36.11 7.93 27.42
N GLY A 610 -35.28 7.65 28.43
CA GLY A 610 -35.68 6.78 29.53
C GLY A 610 -35.70 5.32 29.15
N VAL A 611 -35.22 5.01 27.94
CA VAL A 611 -35.26 3.67 27.39
C VAL A 611 -34.20 2.89 28.13
N THR A 612 -34.54 1.65 28.46
CA THR A 612 -33.70 0.82 29.31
C THR A 612 -32.78 0.03 28.41
N GLU A 613 -31.75 -0.56 28.99
CA GLU A 613 -30.87 -1.49 28.28
C GLU A 613 -31.64 -2.66 27.64
N MSE A 614 -32.64 -3.15 28.37
CA MSE A 614 -33.46 -4.30 27.95
C MSE A 614 -34.26 -4.00 26.70
O MSE A 614 -34.32 -4.85 25.81
CB MSE A 614 -34.39 -4.67 29.11
CG MSE A 614 -35.13 -5.99 28.91
SE MSE A 614 -36.19 -6.43 30.54
CE MSE A 614 -38.01 -5.80 30.09
N GLU A 615 -34.86 -2.81 26.62
CA GLU A 615 -35.68 -2.44 25.45
C GLU A 615 -34.83 -2.23 24.22
N LEU A 616 -33.63 -1.67 24.39
CA LEU A 616 -32.69 -1.48 23.27
C LEU A 616 -32.31 -2.80 22.63
N GLN A 617 -32.10 -3.82 23.45
CA GLN A 617 -31.80 -5.16 22.93
C GLN A 617 -32.96 -5.74 22.10
N ARG A 618 -34.19 -5.47 22.52
CA ARG A 618 -35.36 -5.98 21.81
C ARG A 618 -35.54 -5.24 20.48
N ILE A 619 -35.25 -3.93 20.50
CA ILE A 619 -35.27 -3.12 19.29
C ILE A 619 -34.28 -3.68 18.26
N ASN A 620 -33.06 -3.96 18.72
CA ASN A 620 -32.00 -4.50 17.87
C ASN A 620 -32.32 -5.89 17.35
N ARG A 621 -32.75 -6.78 18.25
CA ARG A 621 -33.24 -8.09 17.87
C ARG A 621 -34.26 -8.02 16.76
N ARG A 622 -35.25 -7.16 16.90
CA ARG A 622 -36.34 -7.09 15.93
C ARG A 622 -35.86 -6.51 14.61
N ASN A 623 -35.02 -5.49 14.68
CA ASN A 623 -34.39 -4.93 13.48
C ASN A 623 -33.54 -5.94 12.74
N SER A 624 -32.80 -6.77 13.48
CA SER A 624 -32.00 -7.87 12.90
C SER A 624 -32.84 -8.94 12.20
N SER A 625 -33.94 -9.35 12.84
CA SER A 625 -34.88 -10.33 12.28
C SER A 625 -35.45 -9.82 10.98
N ILE A 626 -35.86 -8.54 10.98
CA ILE A 626 -36.46 -7.92 9.79
C ILE A 626 -35.41 -7.85 8.69
N ALA A 627 -34.18 -7.50 9.08
CA ALA A 627 -33.09 -7.45 8.12
C ALA A 627 -32.85 -8.82 7.46
N SER A 628 -32.81 -9.88 8.26
CA SER A 628 -32.65 -11.24 7.72
C SER A 628 -33.78 -11.64 6.77
N GLU A 629 -35.00 -11.28 7.14
CA GLU A 629 -36.17 -11.54 6.34
C GLU A 629 -36.10 -10.83 4.99
N ASP A 630 -35.76 -9.53 4.99
CA ASP A 630 -35.57 -8.74 3.74
C ASP A 630 -34.42 -9.29 2.88
N ALA A 631 -33.39 -9.82 3.52
CA ALA A 631 -32.20 -10.32 2.84
C ALA A 631 -32.46 -11.55 1.97
N ARG A 632 -33.53 -12.29 2.26
CA ARG A 632 -33.99 -13.35 1.36
C ARG A 632 -34.32 -12.86 -0.04
N PHE A 633 -34.68 -11.59 -0.21
CA PHE A 633 -34.98 -11.03 -1.53
C PHE A 633 -33.75 -10.52 -2.26
N ILE A 634 -32.56 -10.73 -1.70
CA ILE A 634 -31.32 -10.38 -2.37
C ILE A 634 -30.88 -11.57 -3.24
N SER A 635 -30.76 -11.34 -4.55
CA SER A 635 -30.32 -12.32 -5.53
C SER A 635 -28.81 -12.57 -5.48
N ASN A 636 -28.35 -13.62 -6.16
CA ASN A 636 -26.92 -14.02 -6.11
C ASN A 636 -25.98 -12.97 -6.68
N ASN A 637 -26.47 -12.29 -7.70
CA ASN A 637 -26.04 -10.96 -8.15
C ASN A 637 -25.60 -9.98 -7.05
N GLY A 638 -26.29 -10.02 -5.91
CA GLY A 638 -26.12 -9.05 -4.82
C GLY A 638 -27.21 -7.98 -4.78
N THR A 639 -28.11 -8.01 -5.77
CA THR A 639 -29.07 -6.95 -6.01
C THR A 639 -30.48 -7.39 -5.64
N THR A 640 -31.37 -6.42 -5.45
CA THR A 640 -32.77 -6.62 -5.07
C THR A 640 -33.64 -5.97 -6.14
N SER A 641 -34.79 -6.56 -6.44
CA SER A 641 -35.63 -6.10 -7.55
C SER A 641 -36.35 -4.80 -7.17
N ILE A 642 -36.54 -3.93 -8.17
CA ILE A 642 -37.25 -2.65 -8.03
C ILE A 642 -38.64 -2.84 -7.42
N GLN A 643 -39.33 -3.90 -7.79
CA GLN A 643 -40.67 -4.14 -7.28
C GLN A 643 -40.58 -4.48 -5.80
N THR A 644 -39.64 -5.34 -5.42
CA THR A 644 -39.38 -5.59 -3.99
C THR A 644 -38.95 -4.31 -3.24
N LEU A 645 -38.06 -3.51 -3.82
CA LEU A 645 -37.67 -2.26 -3.19
C LEU A 645 -38.87 -1.32 -2.99
N GLY A 646 -39.70 -1.12 -4.03
CA GLY A 646 -40.91 -0.33 -3.91
C GLY A 646 -41.91 -0.81 -2.86
N ASP A 647 -42.01 -2.13 -2.65
CA ASP A 647 -42.90 -2.70 -1.63
C ASP A 647 -42.43 -2.35 -0.22
N MSE A 648 -41.17 -2.64 0.06
CA MSE A 648 -40.52 -2.26 1.35
C MSE A 648 -40.65 -0.80 1.65
O MSE A 648 -40.94 -0.43 2.79
CB MSE A 648 -39.03 -2.60 1.29
CG MSE A 648 -38.78 -4.11 1.34
SE MSE A 648 -36.88 -4.52 0.99
CE MSE A 648 -37.09 -6.46 1.23
N LYS A 649 -40.46 0.03 0.64
CA LYS A 649 -40.46 1.49 0.80
C LYS A 649 -41.84 2.12 1.03
N LYS A 650 -42.86 1.65 0.33
CA LYS A 650 -44.22 2.18 0.51
C LYS A 650 -44.86 1.80 1.86
N LYS A 651 -44.36 0.75 2.51
CA LYS A 651 -44.82 0.36 3.86
C LYS A 651 -44.38 1.42 4.91
N PRO A 652 -45.33 2.16 5.50
CA PRO A 652 -44.97 3.25 6.43
C PRO A 652 -44.15 2.78 7.62
N MSE A 653 -43.06 3.48 7.96
CA MSE A 653 -42.33 3.23 9.23
C MSE A 653 -41.51 4.44 9.56
O MSE A 653 -41.25 5.28 8.69
CB MSE A 653 -41.45 1.97 9.29
CG MSE A 653 -40.21 1.98 8.40
SE MSE A 653 -38.99 0.48 8.82
CE MSE A 653 -39.96 -0.80 7.67
N SER A 654 -41.07 4.51 10.82
CA SER A 654 -40.29 5.66 11.27
C SER A 654 -38.97 5.71 10.51
N THR A 655 -38.57 6.90 10.12
CA THR A 655 -37.26 7.15 9.47
C THR A 655 -36.12 6.40 10.19
N GLY A 656 -36.07 6.58 11.50
CA GLY A 656 -35.08 5.95 12.34
C GLY A 656 -34.99 4.45 12.25
N GLN A 657 -36.13 3.78 12.26
CA GLN A 657 -36.12 2.32 12.14
C GLN A 657 -35.75 1.84 10.73
N ARG A 658 -36.21 2.53 9.69
CA ARG A 658 -35.80 2.19 8.33
C ARG A 658 -34.28 2.32 8.18
N ILE A 659 -33.70 3.40 8.71
CA ILE A 659 -32.25 3.53 8.66
C ILE A 659 -31.58 2.38 9.43
N ALA A 660 -32.06 2.09 10.65
CA ALA A 660 -31.42 1.05 11.49
C ALA A 660 -31.47 -0.37 10.90
N ILE A 661 -32.56 -0.72 10.23
CA ILE A 661 -32.71 -2.01 9.54
C ILE A 661 -31.72 -2.12 8.35
N GLY A 662 -31.59 -1.02 7.63
CA GLY A 662 -30.62 -0.95 6.57
C GLY A 662 -29.19 -1.05 7.05
N VAL A 663 -28.88 -0.41 8.18
CA VAL A 663 -27.55 -0.51 8.80
C VAL A 663 -27.18 -1.98 9.09
N LYS A 664 -28.16 -2.79 9.50
CA LYS A 664 -27.93 -4.22 9.81
C LYS A 664 -27.47 -4.99 8.59
N LYS A 665 -27.99 -4.57 7.44
CA LYS A 665 -27.61 -5.12 6.15
C LYS A 665 -26.25 -4.59 5.70
N ILE A 666 -26.00 -3.31 5.94
CA ILE A 666 -24.71 -2.70 5.66
C ILE A 666 -23.58 -3.37 6.48
N THR A 667 -23.76 -3.49 7.80
CA THR A 667 -22.73 -4.13 8.64
C THR A 667 -22.60 -5.62 8.35
N GLY A 668 -23.74 -6.28 8.16
CA GLY A 668 -23.77 -7.65 7.71
C GLY A 668 -22.94 -7.97 6.47
N THR A 669 -22.84 -7.00 5.55
CA THR A 669 -22.05 -7.19 4.32
C THR A 669 -20.53 -7.39 4.58
N ALA A 670 -20.07 -7.14 5.80
CA ALA A 670 -18.76 -7.59 6.23
C ALA A 670 -18.53 -9.10 6.18
N VAL A 671 -19.62 -9.88 6.01
CA VAL A 671 -19.54 -11.31 5.71
C VAL A 671 -18.58 -11.60 4.55
N MSE A 672 -18.45 -10.64 3.64
CA MSE A 672 -17.54 -10.75 2.51
C MSE A 672 -16.11 -10.95 2.93
O MSE A 672 -15.36 -11.59 2.23
CB MSE A 672 -17.72 -9.50 1.65
CG MSE A 672 -16.91 -9.51 0.37
SE MSE A 672 -17.23 -7.78 -0.51
CE MSE A 672 -19.17 -8.02 -0.87
N PHE A 673 -15.72 -10.38 4.06
CA PHE A 673 -14.38 -10.59 4.64
C PHE A 673 -14.37 -11.68 5.71
N GLY A 674 -15.54 -11.96 6.30
CA GLY A 674 -15.62 -12.74 7.53
C GLY A 674 -16.06 -14.19 7.41
N ALA A 675 -16.70 -14.53 6.30
CA ALA A 675 -17.18 -15.91 6.15
C ALA A 675 -17.30 -16.28 4.69
N VAL A 676 -16.16 -16.41 4.05
CA VAL A 676 -16.11 -16.74 2.63
C VAL A 676 -16.46 -18.22 2.48
N GLY A 677 -17.40 -18.51 1.58
CA GLY A 677 -17.92 -19.88 1.37
C GLY A 677 -19.28 -20.10 2.04
N LEU A 678 -19.31 -20.05 3.37
CA LEU A 678 -20.49 -20.37 4.20
C LEU A 678 -21.87 -20.10 3.56
N ASN A 681 -24.95 -19.01 -1.81
CA ASN A 681 -25.10 -17.68 -2.40
C ASN A 681 -25.01 -16.54 -1.37
N PHE A 682 -24.94 -15.32 -1.91
CA PHE A 682 -24.76 -14.09 -1.12
C PHE A 682 -25.86 -13.80 -0.08
N GLY A 683 -27.12 -14.03 -0.45
CA GLY A 683 -28.26 -13.74 0.42
C GLY A 683 -28.21 -14.52 1.73
N GLU A 684 -27.91 -15.81 1.63
CA GLU A 684 -27.77 -16.67 2.81
C GLU A 684 -26.50 -16.35 3.59
N MSE A 685 -25.42 -16.01 2.89
CA MSE A 685 -24.19 -15.53 3.55
C MSE A 685 -24.49 -14.32 4.41
O MSE A 685 -24.07 -14.24 5.57
CB MSE A 685 -23.13 -15.12 2.53
CG MSE A 685 -22.16 -16.23 2.14
SE MSE A 685 -21.11 -15.49 0.64
CE MSE A 685 -19.79 -14.36 1.57
N LEU A 686 -25.20 -13.38 3.84
CA LEU A 686 -25.59 -12.17 4.55
C LEU A 686 -26.43 -12.47 5.79
N ILE A 687 -27.44 -13.32 5.62
CA ILE A 687 -28.35 -13.72 6.71
C ILE A 687 -27.59 -14.38 7.89
N ASN A 688 -26.57 -15.18 7.55
CA ASN A 688 -25.69 -15.83 8.52
C ASN A 688 -24.94 -14.88 9.42
N TYR A 689 -24.35 -13.87 8.78
CA TYR A 689 -23.62 -12.83 9.51
C TYR A 689 -24.55 -11.93 10.30
N ILE A 690 -25.70 -11.56 9.72
CA ILE A 690 -26.71 -10.75 10.43
C ILE A 690 -27.16 -11.51 11.68
N ASN A 691 -27.37 -12.83 11.53
CA ASN A 691 -27.76 -13.68 12.64
C ASN A 691 -26.66 -13.88 13.68
N ALA A 692 -25.42 -14.04 13.23
CA ALA A 692 -24.30 -14.23 14.13
C ALA A 692 -24.06 -12.99 14.97
N MSE A 693 -24.14 -11.84 14.34
CA MSE A 693 -24.04 -10.57 15.05
C MSE A 693 -25.16 -10.35 16.01
O MSE A 693 -24.94 -9.76 17.05
CB MSE A 693 -24.01 -9.38 14.10
CG MSE A 693 -22.67 -9.29 13.35
SE MSE A 693 -22.80 -7.98 11.87
CE MSE A 693 -22.76 -6.42 13.08
N GLU A 694 -26.39 -10.79 15.69
CA GLU A 694 -27.49 -10.59 16.63
C GLU A 694 -27.44 -11.54 17.83
N ASN A 695 -27.01 -12.78 17.63
CA ASN A 695 -26.90 -13.77 18.71
C ASN A 695 -25.53 -13.82 19.40
N ASN A 696 -24.51 -13.25 18.76
CA ASN A 696 -23.14 -13.28 19.25
C ASN A 696 -22.62 -14.73 19.21
N ASP A 697 -22.86 -15.37 18.07
CA ASP A 697 -22.58 -16.79 17.85
C ASP A 697 -21.84 -16.88 16.53
N TYR A 698 -20.51 -16.99 16.62
CA TYR A 698 -19.63 -17.10 15.47
C TYR A 698 -18.96 -18.46 15.40
N SER A 699 -19.59 -19.49 15.96
CA SER A 699 -19.01 -20.83 15.95
C SER A 699 -18.91 -21.41 14.52
N ALA A 700 -19.87 -21.10 13.65
CA ALA A 700 -19.78 -21.48 12.22
C ALA A 700 -18.96 -20.50 11.35
N ILE A 701 -18.51 -19.38 11.92
CA ILE A 701 -17.87 -18.29 11.18
C ILE A 701 -16.35 -18.48 11.16
N PRO A 702 -15.74 -18.67 9.98
CA PRO A 702 -14.26 -18.80 9.96
C PRO A 702 -13.52 -17.50 10.34
N GLY A 703 -14.03 -16.37 9.89
CA GLY A 703 -13.40 -15.09 10.15
C GLY A 703 -12.44 -14.71 9.04
N ILE A 704 -11.64 -13.68 9.33
CA ILE A 704 -10.78 -13.04 8.34
C ILE A 704 -9.86 -13.96 7.53
N ASN A 705 -9.35 -15.02 8.16
CA ASN A 705 -8.48 -16.00 7.47
C ASN A 705 -9.09 -16.61 6.22
N SER A 706 -10.42 -16.72 6.20
CA SER A 706 -11.15 -17.20 5.02
C SER A 706 -11.00 -16.24 3.83
N PHE A 707 -11.03 -14.94 4.12
CA PHE A 707 -10.78 -13.89 3.14
C PHE A 707 -9.31 -13.81 2.76
N MSE A 708 -8.42 -14.02 3.72
CA MSE A 708 -6.98 -14.06 3.43
C MSE A 708 -6.66 -15.14 2.44
O MSE A 708 -5.85 -14.90 1.55
CB MSE A 708 -6.16 -14.22 4.72
CG MSE A 708 -4.64 -14.17 4.48
SE MSE A 708 -4.02 -12.52 3.58
CE MSE A 708 -3.41 -11.49 5.14
N GLN A 709 -7.29 -16.32 2.55
CA GLN A 709 -7.08 -17.40 1.59
C GLN A 709 -7.44 -17.00 0.15
N GLN A 710 -8.47 -16.16 -0.04
CA GLN A 710 -8.82 -15.64 -1.38
C GLN A 710 -7.75 -14.69 -1.96
N CYS A 711 -7.11 -13.92 -1.08
CA CYS A 711 -6.12 -12.90 -1.48
C CYS A 711 -4.84 -13.51 -2.07
N ILE A 712 -4.31 -14.51 -1.36
CA ILE A 712 -2.99 -15.13 -1.62
C ILE A 712 -3.01 -16.54 -2.25
N GLY A 713 -4.18 -17.03 -2.64
CA GLY A 713 -4.26 -18.30 -3.37
C GLY A 713 -3.54 -18.26 -4.71
N ALA A 714 -3.60 -17.10 -5.36
CA ALA A 714 -2.99 -16.90 -6.67
C ALA A 714 -1.69 -16.11 -6.62
N MSE A 715 -1.23 -15.78 -5.40
CA MSE A 715 -0.02 -14.97 -5.16
C MSE A 715 0.70 -15.55 -3.99
O MSE A 715 0.45 -15.18 -2.85
CB MSE A 715 -0.38 -13.52 -4.82
CG MSE A 715 -0.95 -12.76 -6.04
SE MSE A 715 -1.50 -10.95 -5.49
CE MSE A 715 0.21 -10.00 -5.80
N GLN A 716 1.65 -16.47 -4.27
CA GLN A 716 2.22 -17.38 -3.28
C GLN A 716 3.72 -17.19 -3.15
N TRP A 717 4.20 -17.44 -1.93
CA TRP A 717 5.60 -17.32 -1.58
C TRP A 717 6.27 -18.69 -1.71
N PRO A 718 7.60 -18.76 -1.58
CA PRO A 718 8.28 -20.06 -1.41
C PRO A 718 8.19 -20.57 0.05
N ASP A 719 7.07 -21.21 0.38
CA ASP A 719 6.83 -21.86 1.70
C ASP A 719 7.02 -23.36 1.61
N LEU A 724 -1.11 -18.24 6.36
CA LEU A 724 -1.07 -16.85 6.83
C LEU A 724 -2.21 -16.52 7.81
N LYS A 725 -1.89 -16.62 9.09
CA LYS A 725 -2.84 -16.31 10.17
C LYS A 725 -2.87 -14.79 10.37
N VAL A 726 -4.03 -14.18 10.21
CA VAL A 726 -4.19 -12.73 10.34
C VAL A 726 -4.47 -12.24 11.79
N THR A 727 -3.66 -11.28 12.25
CA THR A 727 -3.86 -10.67 13.56
C THR A 727 -3.86 -9.15 13.54
N PHE A 728 -3.94 -8.55 12.36
CA PHE A 728 -4.05 -7.11 12.21
C PHE A 728 -4.95 -6.91 11.00
N GLY A 729 -5.90 -5.99 11.10
CA GLY A 729 -6.84 -5.77 10.00
C GLY A 729 -7.63 -4.48 10.09
N LYS A 730 -7.00 -3.38 9.70
CA LYS A 730 -7.70 -2.10 9.68
C LYS A 730 -7.62 -1.33 8.36
N LEU A 731 -8.49 -0.33 8.25
CA LEU A 731 -8.43 0.67 7.19
C LEU A 731 -7.46 1.72 7.68
N GLN A 732 -6.53 2.10 6.83
CA GLN A 732 -5.45 3.05 7.17
C GLN A 732 -4.78 3.42 5.85
N GLY A 733 -5.51 4.19 5.04
CA GLY A 733 -5.14 4.49 3.66
C GLY A 733 -5.45 3.40 2.65
N ILE A 734 -5.30 2.16 3.10
CA ILE A 734 -5.56 0.95 2.33
C ILE A 734 -6.21 -0.01 3.31
N TYR A 735 -6.88 -1.05 2.84
CA TYR A 735 -7.30 -2.12 3.75
C TYR A 735 -6.08 -2.99 3.90
N LEU A 736 -5.61 -3.15 5.14
CA LEU A 736 -4.33 -3.74 5.40
C LEU A 736 -4.50 -4.85 6.39
N LEU A 737 -4.22 -6.07 5.91
CA LEU A 737 -4.29 -7.31 6.65
C LEU A 737 -2.87 -7.81 6.90
N GLY A 738 -2.55 -8.11 8.17
CA GLY A 738 -1.19 -8.46 8.56
C GLY A 738 -1.18 -9.73 9.37
N GLY A 739 -0.18 -10.57 9.14
CA GLY A 739 -0.13 -11.85 9.81
C GLY A 739 1.17 -12.61 9.87
N THR A 740 1.03 -13.89 10.20
CA THR A 740 2.14 -14.77 10.48
C THR A 740 1.95 -16.01 9.65
N LEU A 741 3.05 -16.48 9.06
CA LEU A 741 3.08 -17.68 8.23
C LEU A 741 3.37 -18.95 9.04
S SO4 B . 10.05 2.76 -11.55
O1 SO4 B . 8.88 3.19 -12.36
O2 SO4 B . 9.56 2.11 -10.31
O3 SO4 B . 10.92 1.84 -12.33
O4 SO4 B . 10.89 3.91 -11.13
S SO4 C . 18.00 3.35 2.45
O1 SO4 C . 17.32 4.41 3.21
O2 SO4 C . 17.93 2.09 3.21
O3 SO4 C . 19.41 3.73 2.17
O4 SO4 C . 17.28 3.11 1.17
S SO4 D . -40.44 9.77 12.33
O1 SO4 D . -41.37 8.91 11.58
O2 SO4 D . -40.08 9.11 13.63
O3 SO4 D . -39.29 10.06 11.44
O4 SO4 D . -41.09 11.04 12.68
S SO4 E . -17.35 -10.86 22.94
O1 SO4 E . -17.32 -12.32 23.23
O2 SO4 E . -18.76 -10.50 22.66
O3 SO4 E . -16.49 -10.52 21.80
O4 SO4 E . -16.83 -10.09 24.09
#